data_9VG1
#
_entry.id   9VG1
#
loop_
_entity.id
_entity.type
_entity.pdbx_description
1 polymer VL
2 polymer VH
3 polymer 'Genome polyprotein'
4 polymer 'Genome polyprotein'
5 polymer 'Genome polyprotein'
#
loop_
_entity_poly.entity_id
_entity_poly.type
_entity_poly.pdbx_seq_one_letter_code
_entity_poly.pdbx_strand_id
1 'polypeptide(L)'
;DIQMTQSPSSLSASLGERVSLTCRASQDIGSRLNWLQQEPDGTIKRLIYATSSLDSGVPKRFSGSRSGSYYSLTISSLES
EDFVDYYCLQYAGFPWTFGGGTKLEIK
;
D
2 'polypeptide(L)'
;EVKLVESGGGLVKPGGSLKLSCAASGFAFSTYDMSWVRQTPEKRLEWVATISSGGSYTYYPDSVKGRFTISRDNARNTLY
LQMSSLRSEDTALYYCARGGPYDYDGSFYTMDYWGQGTSVTVSS
;
E
3 'polypeptide(L)'
;NDPITNAVESAVSALADTTISRVTAANTAASTHSLGTGRVPALQAAETGASSNSSDENLIETRCVMNRNGVNEASVEHFY
SRAGLVGVVEVKDSGTSLDGYTVWPIDVMGFVQQRRKLELSTYMRFDAEFTFVSNLNNSTTPGMLLQYMYVPPGAPKPDS
RKSYQWQTATNPSVFAKLSDPPPQVSVPFMSPATAYQWFYDGYPTFGEHKQATNLQYGQCPNNMMGHFAIRTVSESTTGK
NIHVRVYMRIKHVRAWVPRPLRSQAYMVKNYPTYSQTITNTATDRASITTTDYEGGVPASPQRTS
;
A
4 'polypeptide(L)'
;GFPTELKPGTNQFLTTDDGTSPPILPGFEPTPLIHIPGEFTSLLDLCQVETILEVNNTTGTTGVSRLLIPVRAQNNVDQL
CASFQVDPGRNGPWQSTMVGQICRYYTQWSGSLKVTFMFTGSFMATGKMLIAYTPPGSAQPTTREAAMLGTHIVWDFGLQ
SSVTLVIPWISNTHFRAVKTGGVYDYYATGIVTIWYQTNFVVPPDTPTEANIIALGAAQKNFTLKLCKDTDEIQQTAEYQ
;
C
5 'polypeptide(L)'
;SPSVEACGYSDRVAQLTVGNSTITTQEAANIVLSYGEWPEYCPSTDATAVDKPTRPDVSVNRFYTLSTKSWKTESTGWYW
KFPDVLNDTGVFGQNAQFHYLYRSGFCMHVQCNASKFHQGALLVAAIPEFVIAASSPATKPNSQGLYPDFAHTNPGKDGQ
EFRDPYVLDAGIPLSQALIFPHQWINLRTNNCATIIMPYINALPFDSALNHSNFGLVVIPISPLKYCNGATTEVPITLTI
APLNSEFSGLRQAIKQ
;
B
#
# COMPACT_ATOMS: atom_id res chain seq x y z
N ASP A 1 20.83 15.35 -4.19
CA ASP A 1 19.74 16.23 -4.60
C ASP A 1 19.65 16.32 -6.12
N ILE A 2 18.48 16.70 -6.61
CA ILE A 2 18.29 16.83 -8.06
C ILE A 2 19.10 18.01 -8.60
N GLN A 3 19.29 19.05 -7.78
CA GLN A 3 20.11 20.21 -8.14
C GLN A 3 19.61 20.88 -9.42
N MET A 4 18.39 21.38 -9.34
CA MET A 4 17.84 22.22 -10.40
C MET A 4 18.45 23.62 -10.29
N THR A 5 19.13 24.06 -11.34
CA THR A 5 19.85 25.33 -11.34
C THR A 5 19.41 26.20 -12.50
N GLN A 6 19.44 27.52 -12.27
CA GLN A 6 19.09 28.49 -13.30
C GLN A 6 20.34 28.90 -14.07
N SER A 7 20.20 29.00 -15.39
CA SER A 7 21.34 29.28 -16.26
C SER A 7 21.77 30.74 -16.20
N PRO A 8 20.86 31.73 -16.38
CA PRO A 8 21.31 33.13 -16.32
C PRO A 8 21.63 33.57 -14.90
N SER A 9 22.92 33.72 -14.60
CA SER A 9 23.30 34.21 -13.28
C SER A 9 22.93 35.66 -13.09
N SER A 10 22.94 36.44 -14.17
CA SER A 10 22.52 37.84 -14.13
C SER A 10 22.16 38.27 -15.54
N LEU A 11 21.02 38.94 -15.68
CA LEU A 11 20.55 39.39 -16.98
C LEU A 11 20.14 40.86 -16.89
N SER A 12 20.05 41.49 -18.06
CA SER A 12 19.66 42.88 -18.16
C SER A 12 18.82 43.07 -19.43
N ALA A 13 17.64 43.67 -19.29
CA ALA A 13 16.74 43.87 -20.41
C ALA A 13 16.09 45.24 -20.27
N SER A 14 15.18 45.54 -21.19
CA SER A 14 14.47 46.81 -21.22
C SER A 14 13.12 46.70 -20.54
N LEU A 15 12.49 47.85 -20.32
CA LEU A 15 11.18 47.91 -19.68
C LEU A 15 10.07 47.40 -20.56
N GLY A 16 10.36 47.02 -21.81
CA GLY A 16 9.35 46.46 -22.68
C GLY A 16 9.77 45.11 -23.25
N GLU A 17 10.88 44.57 -22.73
CA GLU A 17 11.42 43.31 -23.22
C GLU A 17 10.75 42.14 -22.51
N ARG A 18 11.06 40.94 -23.01
CA ARG A 18 10.49 39.69 -22.51
C ARG A 18 11.62 38.78 -22.06
N VAL A 19 11.91 38.80 -20.76
CA VAL A 19 12.97 37.96 -20.23
C VAL A 19 12.51 36.49 -20.21
N SER A 20 13.49 35.59 -20.30
CA SER A 20 13.23 34.14 -20.30
C SER A 20 14.29 33.49 -19.41
N LEU A 21 13.95 33.30 -18.14
CA LEU A 21 14.83 32.65 -17.17
C LEU A 21 14.45 31.18 -17.08
N THR A 22 15.45 30.30 -17.11
CA THR A 22 15.25 28.85 -17.09
C THR A 22 15.74 28.28 -15.76
N CYS A 23 15.47 26.98 -15.59
CA CYS A 23 15.98 26.24 -14.44
C CYS A 23 16.10 24.78 -14.87
N ARG A 24 17.31 24.36 -15.21
CA ARG A 24 17.55 23.04 -15.80
C ARG A 24 17.74 22.00 -14.70
N ALA A 25 16.76 21.12 -14.54
CA ALA A 25 16.88 20.04 -13.58
C ALA A 25 17.73 18.91 -14.14
N SER A 26 18.28 18.11 -13.23
CA SER A 26 19.12 16.97 -13.64
C SER A 26 18.31 15.69 -13.72
N GLN A 27 17.68 15.30 -12.62
CA GLN A 27 16.87 14.08 -12.59
C GLN A 27 15.41 14.42 -12.88
N ASP A 28 14.59 13.38 -12.95
CA ASP A 28 13.15 13.55 -13.15
C ASP A 28 12.56 14.16 -11.89
N ILE A 29 12.10 15.41 -11.98
CA ILE A 29 11.47 16.08 -10.85
C ILE A 29 9.97 16.27 -11.04
N GLY A 30 9.43 15.94 -12.22
CA GLY A 30 8.01 16.14 -12.42
C GLY A 30 7.63 17.61 -12.40
N SER A 31 6.32 17.83 -12.33
CA SER A 31 5.75 19.17 -12.31
C SER A 31 5.61 19.68 -10.88
N ARG A 32 6.72 19.66 -10.16
CA ARG A 32 6.77 20.08 -8.76
C ARG A 32 7.87 21.12 -8.56
N LEU A 33 7.92 22.11 -9.45
CA LEU A 33 8.93 23.15 -9.41
C LEU A 33 8.24 24.50 -9.24
N ASN A 34 8.68 25.27 -8.25
CA ASN A 34 8.11 26.57 -7.94
C ASN A 34 9.13 27.67 -8.21
N TRP A 35 8.63 28.91 -8.25
CA TRP A 35 9.45 30.09 -8.46
C TRP A 35 9.21 31.06 -7.31
N LEU A 36 10.29 31.48 -6.66
CA LEU A 36 10.22 32.36 -5.50
C LEU A 36 10.91 33.68 -5.83
N GLN A 37 10.17 34.79 -5.75
CA GLN A 37 10.69 36.11 -6.03
C GLN A 37 11.12 36.79 -4.73
N GLN A 38 12.35 37.29 -4.70
CA GLN A 38 12.92 37.89 -3.52
C GLN A 38 13.14 39.38 -3.74
N GLU A 39 12.72 40.19 -2.77
CA GLU A 39 12.92 41.62 -2.80
C GLU A 39 14.42 41.94 -2.66
N PRO A 40 14.81 43.20 -2.87
CA PRO A 40 16.22 43.54 -2.61
C PRO A 40 16.62 43.31 -1.16
N ASP A 41 15.72 43.56 -0.22
CA ASP A 41 15.98 43.29 1.19
C ASP A 41 14.84 42.59 1.92
N GLY A 42 13.64 42.52 1.33
CA GLY A 42 12.48 41.97 2.00
C GLY A 42 12.36 40.47 1.85
N THR A 43 11.17 39.98 2.16
CA THR A 43 10.90 38.54 2.15
C THR A 43 10.83 38.03 0.72
N ILE A 44 10.56 36.74 0.58
CA ILE A 44 10.56 36.05 -0.70
C ILE A 44 9.13 35.62 -1.01
N LYS A 45 8.52 36.23 -2.02
CA LYS A 45 7.17 35.89 -2.43
C LYS A 45 7.22 34.76 -3.47
N ARG A 46 6.05 34.18 -3.72
CA ARG A 46 5.91 33.08 -4.66
C ARG A 46 5.23 33.56 -5.95
N LEU A 47 5.64 32.98 -7.07
CA LEU A 47 5.07 33.32 -8.37
C LEU A 47 4.32 32.14 -8.97
N ILE A 48 4.99 31.01 -9.14
CA ILE A 48 4.42 29.85 -9.84
C ILE A 48 4.46 28.67 -8.90
N TYR A 49 3.40 27.86 -8.92
CA TYR A 49 3.39 26.58 -8.25
C TYR A 49 2.97 25.50 -9.23
N ALA A 50 3.61 24.34 -9.15
CA ALA A 50 3.42 23.24 -10.09
C ALA A 50 3.79 23.65 -11.51
N THR A 51 4.69 24.62 -11.65
CA THR A 51 5.32 25.07 -12.89
C THR A 51 4.36 25.77 -13.86
N SER A 52 3.07 25.83 -13.56
CA SER A 52 2.17 26.41 -14.56
C SER A 52 1.26 27.50 -14.02
N SER A 53 0.79 27.37 -12.78
CA SER A 53 -0.32 28.16 -12.29
C SER A 53 0.17 29.35 -11.48
N LEU A 54 -0.36 30.53 -11.80
CA LEU A 54 -0.06 31.73 -11.03
C LEU A 54 -0.64 31.64 -9.62
N ASP A 55 -0.14 32.49 -8.74
CA ASP A 55 -0.59 32.51 -7.36
C ASP A 55 -1.84 33.38 -7.23
N SER A 56 -2.41 33.40 -6.02
CA SER A 56 -3.62 34.17 -5.75
C SER A 56 -3.24 35.61 -5.42
N GLY A 57 -2.91 36.36 -6.46
CA GLY A 57 -2.54 37.75 -6.28
C GLY A 57 -1.42 38.20 -7.19
N VAL A 58 -0.74 37.25 -7.82
CA VAL A 58 0.35 37.60 -8.74
C VAL A 58 -0.23 38.24 -9.99
N PRO A 59 0.46 39.21 -10.59
CA PRO A 59 -0.09 39.88 -11.78
C PRO A 59 -0.14 38.96 -13.00
N LYS A 60 -0.65 39.49 -14.11
CA LYS A 60 -0.76 38.74 -15.35
C LYS A 60 0.52 38.74 -16.17
N ARG A 61 1.49 39.59 -15.83
CA ARG A 61 2.72 39.66 -16.60
C ARG A 61 3.57 38.41 -16.43
N PHE A 62 3.50 37.77 -15.27
CA PHE A 62 4.25 36.55 -15.04
C PHE A 62 3.51 35.33 -15.57
N SER A 63 4.27 34.29 -15.91
CA SER A 63 3.71 33.05 -16.40
C SER A 63 4.79 31.99 -16.38
N GLY A 64 4.42 30.77 -15.99
CA GLY A 64 5.33 29.65 -15.99
C GLY A 64 5.14 28.75 -17.21
N SER A 65 6.09 27.84 -17.39
CA SER A 65 6.05 26.91 -18.51
C SER A 65 6.99 25.76 -18.23
N ARG A 66 6.73 24.64 -18.92
CA ARG A 66 7.54 23.44 -18.80
C ARG A 66 7.97 22.98 -20.18
N SER A 67 9.22 22.52 -20.29
CA SER A 67 9.71 21.96 -21.55
C SER A 67 10.79 20.94 -21.19
N GLY A 68 10.39 19.67 -21.14
CA GLY A 68 11.31 18.58 -20.86
C GLY A 68 12.03 18.73 -19.53
N SER A 69 13.33 19.01 -19.60
CA SER A 69 14.15 19.24 -18.42
C SER A 69 14.60 20.70 -18.31
N TYR A 70 13.84 21.60 -18.90
CA TYR A 70 14.18 23.02 -19.00
C TYR A 70 13.06 23.89 -18.45
N TYR A 71 12.60 23.57 -17.24
CA TYR A 71 11.63 24.40 -16.54
C TYR A 71 12.08 25.85 -16.55
N SER A 72 11.16 26.74 -16.95
CA SER A 72 11.51 28.13 -17.19
C SER A 72 10.39 29.06 -16.73
N LEU A 73 10.73 30.34 -16.60
CA LEU A 73 9.80 31.40 -16.28
C LEU A 73 10.00 32.55 -17.24
N THR A 74 8.89 33.11 -17.73
CA THR A 74 8.94 34.17 -18.72
C THR A 74 7.97 35.28 -18.33
N ILE A 75 8.49 36.49 -18.20
CA ILE A 75 7.68 37.66 -17.90
C ILE A 75 7.16 38.25 -19.20
N SER A 76 5.94 38.79 -19.17
CA SER A 76 5.29 39.25 -20.39
C SER A 76 6.05 40.41 -21.02
N SER A 77 6.14 41.54 -20.33
CA SER A 77 6.74 42.73 -20.92
C SER A 77 7.69 43.46 -19.97
N LEU A 78 8.00 42.90 -18.80
CA LEU A 78 9.00 43.45 -17.88
C LEU A 78 8.66 44.88 -17.47
N GLU A 79 7.56 44.99 -16.73
CA GLU A 79 7.12 46.27 -16.18
C GLU A 79 8.04 46.64 -15.01
N SER A 80 7.68 47.72 -14.31
CA SER A 80 8.46 48.14 -13.16
C SER A 80 8.35 47.12 -12.03
N GLU A 81 9.21 47.29 -11.03
CA GLU A 81 9.25 46.42 -9.85
C GLU A 81 9.55 44.97 -10.26
N ASP A 82 10.49 44.81 -11.19
CA ASP A 82 10.91 43.49 -11.66
C ASP A 82 12.40 43.22 -11.55
N PHE A 83 13.24 44.25 -11.45
CA PHE A 83 14.69 44.06 -11.44
C PHE A 83 15.15 43.60 -10.05
N VAL A 84 14.66 42.42 -9.66
CA VAL A 84 14.97 41.81 -8.38
C VAL A 84 15.47 40.39 -8.62
N ASP A 85 15.81 39.71 -7.54
CA ASP A 85 16.33 38.35 -7.63
C ASP A 85 15.21 37.37 -7.95
N TYR A 86 15.59 36.21 -8.48
CA TYR A 86 14.67 35.14 -8.79
C TYR A 86 15.27 33.81 -8.39
N TYR A 87 14.42 32.87 -8.00
CA TYR A 87 14.84 31.55 -7.60
C TYR A 87 13.89 30.51 -8.18
N CYS A 88 14.40 29.30 -8.37
CA CYS A 88 13.57 28.15 -8.73
C CYS A 88 13.72 27.09 -7.66
N LEU A 89 12.59 26.60 -7.16
CA LEU A 89 12.55 25.62 -6.08
C LEU A 89 11.73 24.42 -6.52
N GLN A 90 12.27 23.23 -6.28
CA GLN A 90 11.58 21.98 -6.56
C GLN A 90 11.43 21.20 -5.27
N TYR A 91 10.30 20.49 -5.14
CA TYR A 91 10.05 19.67 -3.96
C TYR A 91 9.82 18.21 -4.34
N ALA A 92 10.53 17.74 -5.38
CA ALA A 92 10.51 16.33 -5.74
C ALA A 92 11.67 15.58 -5.09
N GLY A 93 12.90 16.03 -5.37
CA GLY A 93 14.05 15.49 -4.69
C GLY A 93 14.01 15.84 -3.22
N PHE A 94 13.99 14.83 -2.36
CA PHE A 94 13.69 15.07 -0.95
C PHE A 94 14.65 16.03 -0.24
N PRO A 95 15.94 16.15 -0.61
CA PRO A 95 16.75 17.22 -0.01
C PRO A 95 16.21 18.61 -0.28
N TRP A 96 15.32 18.78 -1.27
CA TRP A 96 14.66 20.05 -1.55
C TRP A 96 15.68 21.16 -1.79
N THR A 97 16.47 21.00 -2.85
CA THR A 97 17.50 21.95 -3.19
C THR A 97 16.91 23.15 -3.92
N PHE A 98 17.77 24.12 -4.23
CA PHE A 98 17.37 25.33 -4.94
C PHE A 98 18.26 25.56 -6.15
N GLY A 99 18.14 26.73 -6.76
CA GLY A 99 18.99 27.07 -7.88
C GLY A 99 20.01 28.14 -7.55
N GLY A 100 20.18 29.11 -8.44
CA GLY A 100 21.08 30.22 -8.18
C GLY A 100 20.36 31.54 -8.03
N GLY A 101 20.41 32.36 -9.07
CA GLY A 101 19.73 33.64 -9.04
C GLY A 101 19.65 34.27 -10.42
N THR A 102 18.64 35.12 -10.63
CA THR A 102 18.43 35.80 -11.90
C THR A 102 18.13 37.27 -11.65
N LYS A 103 18.99 37.92 -10.87
CA LYS A 103 18.84 39.34 -10.58
C LYS A 103 18.87 40.14 -11.86
N LEU A 104 17.73 40.74 -12.22
CA LEU A 104 17.60 41.45 -13.49
C LEU A 104 18.07 42.89 -13.34
N GLU A 105 18.64 43.41 -14.43
CA GLU A 105 19.13 44.77 -14.51
C GLU A 105 18.48 45.48 -15.71
N ILE A 106 18.91 46.70 -15.95
CA ILE A 106 18.40 47.49 -17.06
C ILE A 106 19.36 48.63 -17.39
N GLU B 1 -4.55 37.02 6.36
CA GLU B 1 -3.30 36.76 5.65
C GLU B 1 -2.42 35.79 6.41
N VAL B 2 -1.46 35.18 5.72
CA VAL B 2 -0.50 34.26 6.32
C VAL B 2 0.66 35.11 6.82
N LYS B 3 0.52 35.65 8.03
CA LYS B 3 1.48 36.58 8.60
C LYS B 3 2.45 35.79 9.48
N LEU B 4 3.65 35.56 8.97
CA LEU B 4 4.71 34.90 9.72
C LEU B 4 5.83 35.89 9.99
N VAL B 5 6.44 35.79 11.17
CA VAL B 5 7.49 36.71 11.59
C VAL B 5 8.55 35.93 12.33
N GLU B 6 9.80 36.04 11.88
CA GLU B 6 10.93 35.40 12.52
C GLU B 6 11.64 36.37 13.44
N SER B 7 12.10 35.88 14.60
CA SER B 7 12.77 36.72 15.57
C SER B 7 13.50 35.83 16.58
N GLY B 8 14.58 36.35 17.12
CA GLY B 8 15.34 35.64 18.14
C GLY B 8 16.75 35.29 17.71
N GLY B 9 17.30 36.02 16.73
CA GLY B 9 18.61 35.77 16.21
C GLY B 9 19.63 36.82 16.66
N GLY B 10 20.88 36.54 16.35
CA GLY B 10 21.96 37.44 16.69
C GLY B 10 23.29 36.71 16.73
N LEU B 11 24.30 37.42 17.20
CA LEU B 11 25.65 36.87 17.27
C LEU B 11 25.75 35.83 18.37
N VAL B 12 26.67 34.89 18.19
CA VAL B 12 26.93 33.84 19.16
C VAL B 12 28.29 33.22 18.85
N LYS B 13 29.01 32.83 19.90
CA LYS B 13 30.29 32.18 19.72
C LYS B 13 30.12 30.82 19.05
N PRO B 14 31.06 30.41 18.20
CA PRO B 14 30.96 29.10 17.57
C PRO B 14 30.97 27.98 18.60
N GLY B 15 29.85 27.26 18.68
CA GLY B 15 29.69 26.23 19.68
C GLY B 15 28.81 26.68 20.83
N GLY B 16 27.55 26.25 20.81
CA GLY B 16 26.59 26.63 21.83
C GLY B 16 25.17 26.30 21.44
N SER B 17 24.26 27.26 21.61
CA SER B 17 22.87 27.07 21.23
C SER B 17 22.22 28.43 21.07
N LEU B 18 21.31 28.53 20.09
CA LEU B 18 20.60 29.79 19.85
C LEU B 18 19.31 29.43 19.11
N LYS B 19 18.19 29.50 19.81
CA LYS B 19 16.91 29.11 19.23
C LYS B 19 16.43 30.18 18.25
N LEU B 20 15.22 29.95 17.70
CA LEU B 20 14.64 30.90 16.76
C LEU B 20 13.12 30.73 16.80
N SER B 21 12.42 31.85 16.76
CA SER B 21 10.96 31.88 16.84
C SER B 21 10.36 32.32 15.51
N CYS B 22 9.29 31.64 15.10
CA CYS B 22 8.53 31.95 13.90
C CYS B 22 7.05 32.03 14.22
N ALA B 23 6.73 32.82 15.25
CA ALA B 23 5.35 32.99 15.67
C ALA B 23 4.52 33.59 14.54
N ALA B 24 3.50 32.84 14.10
CA ALA B 24 2.68 33.25 12.98
C ALA B 24 1.21 33.14 13.36
N SER B 25 0.39 33.97 12.70
CA SER B 25 -1.04 33.99 12.93
C SER B 25 -1.72 34.32 11.61
N GLY B 26 -3.02 34.61 11.68
CA GLY B 26 -3.81 34.87 10.49
C GLY B 26 -4.14 33.65 9.67
N PHE B 27 -3.76 32.46 10.12
CA PHE B 27 -4.07 31.21 9.42
C PHE B 27 -3.99 30.09 10.44
N ALA B 28 -4.61 28.96 10.09
CA ALA B 28 -4.69 27.84 11.01
C ALA B 28 -3.31 27.22 11.17
N PHE B 29 -2.61 27.58 12.24
CA PHE B 29 -1.30 27.01 12.53
C PHE B 29 -1.44 25.72 13.33
N SER B 30 -2.31 24.84 12.84
CA SER B 30 -2.48 23.51 13.40
C SER B 30 -2.67 22.46 12.33
N THR B 31 -2.74 22.86 11.06
CA THR B 31 -2.89 21.94 9.94
C THR B 31 -1.82 22.08 8.89
N TYR B 32 -1.12 23.21 8.81
CA TYR B 32 -0.08 23.42 7.82
C TYR B 32 1.25 22.88 8.33
N ASP B 33 2.03 22.29 7.43
CA ASP B 33 3.36 21.78 7.75
C ASP B 33 4.38 22.84 7.36
N MET B 34 5.03 23.42 8.36
CA MET B 34 5.99 24.48 8.13
C MET B 34 7.39 23.91 7.95
N SER B 35 8.35 24.79 7.72
CA SER B 35 9.74 24.39 7.50
C SER B 35 10.63 25.61 7.64
N TRP B 36 11.93 25.37 7.69
CA TRP B 36 12.92 26.43 7.86
C TRP B 36 13.87 26.44 6.67
N VAL B 37 14.13 27.63 6.14
CA VAL B 37 15.03 27.82 5.01
C VAL B 37 16.08 28.87 5.40
N ARG B 38 17.33 28.62 5.05
CA ARG B 38 18.44 29.49 5.39
C ARG B 38 18.94 30.20 4.14
N GLN B 39 19.13 31.51 4.24
CA GLN B 39 19.67 32.33 3.17
C GLN B 39 21.07 32.75 3.57
N THR B 40 22.07 32.05 3.04
CA THR B 40 23.46 32.27 3.42
C THR B 40 23.92 33.65 2.95
N PRO B 41 25.11 34.08 3.36
CA PRO B 41 25.64 35.35 2.86
C PRO B 41 25.87 35.35 1.36
N GLU B 42 26.05 34.19 0.74
CA GLU B 42 26.22 34.07 -0.70
C GLU B 42 24.90 34.15 -1.46
N LYS B 43 23.81 34.52 -0.79
CA LYS B 43 22.49 34.65 -1.40
C LYS B 43 22.06 33.35 -2.09
N ARG B 44 22.26 32.23 -1.40
CA ARG B 44 21.87 30.91 -1.89
C ARG B 44 20.98 30.27 -0.83
N LEU B 45 19.66 30.26 -1.08
CA LEU B 45 18.72 29.71 -0.12
C LEU B 45 18.84 28.20 -0.09
N GLU B 46 19.21 27.66 1.06
CA GLU B 46 19.35 26.22 1.27
C GLU B 46 18.35 25.77 2.32
N TRP B 47 17.79 24.58 2.14
CA TRP B 47 16.87 24.02 3.11
C TRP B 47 17.60 23.73 4.43
N VAL B 48 16.95 24.09 5.53
CA VAL B 48 17.52 23.91 6.86
C VAL B 48 16.87 22.74 7.59
N ALA B 49 15.55 22.79 7.78
CA ALA B 49 14.83 21.73 8.48
C ALA B 49 13.35 21.89 8.18
N THR B 50 12.58 20.88 8.59
CA THR B 50 11.13 20.88 8.40
C THR B 50 10.47 20.28 9.62
N ILE B 51 9.14 20.34 9.64
CA ILE B 51 8.34 19.79 10.72
C ILE B 51 6.97 19.43 10.18
N SER B 52 6.41 18.34 10.70
CA SER B 52 5.10 17.90 10.25
C SER B 52 4.02 18.86 10.72
N SER B 53 2.78 18.56 10.36
CA SER B 53 1.65 19.41 10.72
C SER B 53 1.16 19.18 12.14
N GLY B 54 1.85 18.37 12.93
CA GLY B 54 1.48 18.15 14.30
C GLY B 54 2.68 18.02 15.21
N GLY B 55 3.86 18.29 14.67
CA GLY B 55 5.09 18.21 15.44
C GLY B 55 5.43 16.81 15.91
N SER B 56 5.40 15.85 14.99
CA SER B 56 5.71 14.46 15.33
C SER B 56 6.75 13.89 14.38
N TYR B 57 6.78 14.36 13.14
CA TYR B 57 7.72 13.88 12.14
C TYR B 57 8.65 15.02 11.73
N THR B 58 9.84 14.65 11.27
CA THR B 58 10.89 15.62 10.97
C THR B 58 11.89 15.02 10.00
N TYR B 59 12.20 15.76 8.94
CA TYR B 59 13.24 15.41 7.99
C TYR B 59 14.40 16.39 8.15
N TYR B 60 15.56 15.89 8.54
CA TYR B 60 16.74 16.72 8.71
C TYR B 60 17.70 16.50 7.55
N PRO B 61 17.96 17.51 6.72
CA PRO B 61 18.92 17.33 5.62
C PRO B 61 20.34 17.10 6.14
N ASP B 62 21.27 16.86 5.21
CA ASP B 62 22.67 16.63 5.60
C ASP B 62 23.33 17.87 6.18
N SER B 63 22.65 19.02 6.22
CA SER B 63 23.25 20.22 6.77
C SER B 63 23.47 20.09 8.28
N VAL B 64 22.47 19.59 9.00
CA VAL B 64 22.61 19.38 10.43
C VAL B 64 22.63 17.90 10.75
N LYS B 65 21.52 17.22 10.46
CA LYS B 65 21.34 15.79 10.70
C LYS B 65 21.90 15.38 12.07
N GLY B 66 21.31 15.96 13.11
CA GLY B 66 21.69 15.61 14.46
C GLY B 66 22.04 16.80 15.34
N ARG B 67 22.26 17.96 14.73
CA ARG B 67 22.62 19.18 15.46
C ARG B 67 21.40 20.07 15.68
N PHE B 68 20.71 20.44 14.60
CA PHE B 68 19.53 21.29 14.72
C PHE B 68 18.35 20.47 15.23
N THR B 69 17.55 21.09 16.10
CA THR B 69 16.39 20.44 16.71
C THR B 69 15.18 21.36 16.54
N ILE B 70 14.31 21.03 15.59
CA ILE B 70 13.11 21.81 15.33
C ILE B 70 12.04 21.34 16.30
N SER B 71 10.97 22.13 16.44
CA SER B 71 9.83 21.77 17.28
C SER B 71 8.62 22.53 16.78
N ARG B 72 7.53 22.49 17.54
CA ARG B 72 6.33 23.25 17.20
C ARG B 72 5.48 23.40 18.46
N ASP B 73 5.28 24.64 18.90
CA ASP B 73 4.42 24.88 20.05
C ASP B 73 2.98 24.48 19.74
N ASN B 74 2.42 25.03 18.65
CA ASN B 74 1.14 24.62 18.09
C ASN B 74 -0.02 25.06 18.98
N ALA B 75 0.30 25.61 20.15
CA ALA B 75 -0.70 26.15 21.05
C ALA B 75 -0.45 27.61 21.37
N ARG B 76 0.81 28.00 21.51
CA ARG B 76 1.18 29.41 21.58
C ARG B 76 1.47 29.99 20.20
N ASN B 77 1.20 29.22 19.15
CA ASN B 77 1.39 29.65 17.75
C ASN B 77 2.83 30.12 17.51
N THR B 78 3.77 29.18 17.66
CA THR B 78 5.18 29.47 17.49
C THR B 78 5.85 28.29 16.80
N LEU B 79 7.03 28.55 16.25
CA LEU B 79 7.85 27.53 15.60
C LEU B 79 9.27 27.66 16.11
N TYR B 80 9.83 26.56 16.59
CA TYR B 80 11.16 26.56 17.19
C TYR B 80 12.18 25.94 16.23
N LEU B 81 13.44 26.28 16.44
CA LEU B 81 14.54 25.73 15.65
C LEU B 81 15.82 25.92 16.43
N GLN B 82 16.46 24.82 16.82
CA GLN B 82 17.66 24.87 17.64
C GLN B 82 18.90 24.99 16.76
N MET B 83 19.95 25.59 17.33
CA MET B 83 21.23 25.80 16.65
C MET B 83 22.36 25.23 17.49
N SER B 84 22.17 24.01 17.99
CA SER B 84 23.11 23.38 18.91
C SER B 84 24.50 23.26 18.29
N SER B 85 25.47 23.98 18.86
CA SER B 85 26.86 23.97 18.39
C SER B 85 26.93 24.24 16.89
N LEU B 86 26.46 25.42 16.52
CA LEU B 86 26.49 25.83 15.12
C LEU B 86 27.92 25.86 14.60
N ARG B 87 28.08 25.55 13.32
CA ARG B 87 29.39 25.51 12.71
C ARG B 87 29.87 26.93 12.39
N SER B 88 31.12 27.01 11.92
CA SER B 88 31.69 28.31 11.56
C SER B 88 30.94 28.92 10.38
N GLU B 89 30.88 28.20 9.27
CA GLU B 89 30.16 28.67 8.07
C GLU B 89 28.69 28.28 8.19
N ASP B 90 28.01 28.90 9.16
CA ASP B 90 26.60 28.64 9.41
C ASP B 90 25.80 29.93 9.57
N THR B 91 26.37 31.09 9.28
CA THR B 91 25.65 32.34 9.39
C THR B 91 24.75 32.53 8.18
N ALA B 92 23.48 32.87 8.44
CA ALA B 92 22.51 33.03 7.37
C ALA B 92 21.27 33.72 7.93
N LEU B 93 20.42 34.19 7.02
CA LEU B 93 19.13 34.77 7.38
C LEU B 93 18.10 33.63 7.38
N TYR B 94 17.89 33.04 8.54
CA TYR B 94 17.07 31.84 8.65
C TYR B 94 15.61 32.21 8.46
N TYR B 95 15.12 32.10 7.23
CA TYR B 95 13.71 32.30 6.95
C TYR B 95 12.89 31.12 7.42
N CYS B 96 11.59 31.35 7.62
CA CYS B 96 10.64 30.31 7.94
C CYS B 96 9.41 30.47 7.07
N ALA B 97 8.87 29.36 6.57
CA ALA B 97 7.74 29.40 5.66
C ALA B 97 6.95 28.11 5.81
N ARG B 98 5.92 27.96 4.99
CA ARG B 98 5.08 26.78 4.99
C ARG B 98 5.71 25.70 4.11
N GLY B 99 4.96 24.63 3.83
CA GLY B 99 5.43 23.57 2.97
C GLY B 99 6.08 22.43 3.73
N GLY B 100 5.66 21.20 3.41
CA GLY B 100 6.19 20.03 4.07
C GLY B 100 5.86 18.75 3.32
N PRO B 101 6.81 17.80 3.33
CA PRO B 101 6.57 16.53 2.63
C PRO B 101 5.47 15.69 3.25
N TYR B 102 5.12 15.93 4.51
CA TYR B 102 3.98 15.27 5.14
C TYR B 102 2.72 16.02 4.76
N ASP B 103 1.62 15.76 5.46
CA ASP B 103 0.34 16.42 5.20
C ASP B 103 -0.11 16.14 3.76
N TYR B 104 -0.50 14.88 3.54
CA TYR B 104 -0.79 14.30 2.23
C TYR B 104 -1.40 15.29 1.25
N ASP B 105 -2.36 16.09 1.71
CA ASP B 105 -2.92 17.14 0.87
C ASP B 105 -2.00 18.34 0.83
N GLY B 106 -0.72 18.11 0.53
CA GLY B 106 0.27 19.15 0.42
C GLY B 106 0.62 19.46 -1.02
N SER B 107 1.90 19.80 -1.24
CA SER B 107 2.45 20.06 -2.58
C SER B 107 1.78 21.25 -3.25
N PHE B 108 0.91 21.95 -2.54
CA PHE B 108 0.24 23.15 -3.04
C PHE B 108 0.76 24.42 -2.40
N TYR B 109 0.96 24.41 -1.08
CA TYR B 109 1.48 25.56 -0.35
C TYR B 109 2.97 25.45 -0.06
N THR B 110 3.73 24.84 -0.97
CA THR B 110 5.14 24.56 -0.72
C THR B 110 5.89 25.87 -0.68
N MET B 111 6.16 26.36 0.52
CA MET B 111 6.75 27.68 0.75
C MET B 111 5.95 28.76 0.04
N ASP B 112 4.64 28.76 0.28
CA ASP B 112 3.76 29.75 -0.33
C ASP B 112 4.00 31.13 0.25
N TYR B 113 3.81 31.29 1.55
CA TYR B 113 4.04 32.54 2.25
C TYR B 113 5.26 32.39 3.16
N TRP B 114 6.08 33.43 3.21
CA TRP B 114 7.34 33.41 3.93
C TRP B 114 7.30 34.39 5.10
N GLY B 115 8.37 34.40 5.89
CA GLY B 115 8.45 35.27 7.04
C GLY B 115 9.16 36.57 6.75
N GLN B 116 10.15 36.92 7.57
CA GLN B 116 10.97 38.11 7.35
C GLN B 116 12.45 37.78 7.34
N GLY B 117 12.90 36.86 8.17
CA GLY B 117 14.30 36.45 8.18
C GLY B 117 15.13 37.23 9.18
N THR B 118 15.64 36.54 10.19
CA THR B 118 16.50 37.14 11.20
C THR B 118 17.94 36.68 10.99
N SER B 119 18.88 37.61 11.08
CA SER B 119 20.28 37.29 10.87
C SER B 119 20.86 36.61 12.11
N VAL B 120 22.10 36.15 11.99
CA VAL B 120 22.79 35.51 13.10
C VAL B 120 24.23 36.02 13.16
N VAL C 71 -15.02 -16.51 -17.66
CA VAL C 71 -15.74 -17.46 -16.83
C VAL C 71 -15.22 -18.87 -17.09
N ASN C 72 -15.09 -19.65 -16.01
CA ASN C 72 -14.63 -21.04 -16.03
C ASN C 72 -13.14 -21.09 -16.32
N GLU C 73 -12.54 -19.96 -16.67
CA GLU C 73 -11.10 -19.82 -16.80
C GLU C 73 -10.52 -18.81 -15.83
N ALA C 74 -11.36 -18.11 -15.10
CA ALA C 74 -10.92 -17.22 -14.03
C ALA C 74 -11.23 -17.78 -12.65
N SER C 75 -11.77 -19.00 -12.57
CA SER C 75 -12.13 -19.57 -11.30
C SER C 75 -10.88 -19.91 -10.48
N VAL C 76 -11.10 -20.14 -9.18
CA VAL C 76 -9.98 -20.43 -8.31
C VAL C 76 -9.45 -21.84 -8.56
N GLU C 77 -10.29 -22.74 -9.08
CA GLU C 77 -9.83 -24.08 -9.37
C GLU C 77 -8.85 -24.09 -10.52
N HIS C 78 -9.06 -23.23 -11.52
CA HIS C 78 -8.14 -23.14 -12.65
C HIS C 78 -6.97 -22.21 -12.39
N PHE C 79 -7.15 -21.21 -11.52
CA PHE C 79 -6.09 -20.25 -11.26
C PHE C 79 -4.85 -20.89 -10.66
N TYR C 80 -4.98 -22.04 -10.01
CA TYR C 80 -3.88 -22.71 -9.34
C TYR C 80 -3.47 -24.01 -10.02
N SER C 81 -3.96 -24.27 -11.24
CA SER C 81 -3.64 -25.49 -11.97
C SER C 81 -2.28 -25.37 -12.65
N ARG C 82 -2.00 -26.27 -13.59
CA ARG C 82 -0.78 -26.22 -14.41
C ARG C 82 0.47 -26.37 -13.54
N ALA C 83 0.61 -27.59 -13.01
CA ALA C 83 1.71 -27.97 -12.12
C ALA C 83 3.03 -27.32 -12.50
N GLY C 84 3.69 -26.72 -11.52
CA GLY C 84 4.93 -26.02 -11.74
C GLY C 84 6.03 -26.50 -10.80
N LEU C 85 7.25 -26.12 -11.13
CA LEU C 85 8.42 -26.54 -10.36
C LEU C 85 8.42 -25.84 -9.01
N VAL C 86 8.46 -26.62 -7.94
CA VAL C 86 8.45 -26.08 -6.57
C VAL C 86 9.79 -26.24 -5.88
N GLY C 87 10.77 -26.86 -6.52
CA GLY C 87 12.09 -26.96 -5.92
C GLY C 87 13.02 -27.87 -6.69
N VAL C 88 14.26 -27.43 -6.88
CA VAL C 88 15.27 -28.21 -7.59
C VAL C 88 16.26 -28.71 -6.55
N VAL C 89 16.12 -29.97 -6.16
CA VAL C 89 17.00 -30.59 -5.19
C VAL C 89 18.03 -31.41 -5.95
N GLU C 90 19.17 -31.67 -5.31
CA GLU C 90 20.27 -32.35 -5.96
C GLU C 90 20.87 -33.38 -5.03
N VAL C 91 21.04 -34.61 -5.53
CA VAL C 91 21.62 -35.70 -4.74
C VAL C 91 23.13 -35.65 -4.97
N LYS C 92 23.81 -34.84 -4.19
CA LYS C 92 25.25 -34.70 -4.33
C LYS C 92 25.95 -35.99 -3.93
N ASP C 93 26.76 -36.54 -4.82
CA ASP C 93 27.37 -37.84 -4.59
C ASP C 93 28.83 -37.93 -5.06
N SER C 94 29.42 -36.85 -5.55
CA SER C 94 30.76 -36.92 -6.12
C SER C 94 31.60 -35.74 -5.65
N GLY C 95 32.90 -35.98 -5.48
CA GLY C 95 33.82 -34.93 -5.11
C GLY C 95 33.97 -34.77 -3.61
N THR C 96 33.58 -33.60 -3.10
CA THR C 96 33.66 -33.30 -1.68
C THR C 96 32.30 -33.30 -1.00
N SER C 97 31.31 -33.92 -1.62
CA SER C 97 29.95 -33.94 -1.11
C SER C 97 29.40 -35.36 -1.22
N LEU C 98 30.15 -36.34 -0.73
CA LEU C 98 29.76 -37.74 -0.88
C LEU C 98 28.59 -38.07 0.05
N ASP C 99 27.48 -37.37 -0.12
CA ASP C 99 26.29 -37.62 0.68
C ASP C 99 25.60 -38.90 0.22
N GLY C 100 25.20 -38.93 -1.04
CA GLY C 100 24.43 -40.03 -1.59
C GLY C 100 22.95 -39.89 -1.37
N TYR C 101 22.52 -38.93 -0.56
CA TYR C 101 21.12 -38.71 -0.27
C TYR C 101 20.88 -37.21 -0.14
N THR C 102 19.60 -36.85 -0.05
CA THR C 102 19.23 -35.47 0.20
C THR C 102 17.78 -35.44 0.68
N VAL C 103 17.50 -34.51 1.60
CA VAL C 103 16.16 -34.32 2.14
C VAL C 103 15.67 -32.96 1.67
N TRP C 104 14.46 -32.93 1.12
CA TRP C 104 13.87 -31.68 0.68
C TRP C 104 12.58 -31.44 1.46
N PRO C 105 12.58 -30.51 2.43
CA PRO C 105 11.32 -30.19 3.12
C PRO C 105 10.28 -29.62 2.19
N ILE C 106 9.11 -30.26 2.11
CA ILE C 106 8.05 -29.83 1.21
C ILE C 106 7.69 -28.38 1.50
N ASP C 107 7.87 -27.52 0.51
CA ASP C 107 7.59 -26.09 0.65
C ASP C 107 6.89 -25.61 -0.61
N VAL C 108 5.73 -24.99 -0.43
CA VAL C 108 4.99 -24.43 -1.56
C VAL C 108 5.50 -23.04 -1.91
N MET C 109 5.70 -22.19 -0.90
CA MET C 109 6.14 -20.81 -1.11
C MET C 109 7.65 -20.76 -1.30
N GLY C 110 8.12 -21.52 -2.28
CA GLY C 110 9.54 -21.59 -2.57
C GLY C 110 9.98 -20.56 -3.57
N PHE C 111 9.13 -20.28 -4.55
CA PHE C 111 9.41 -19.30 -5.59
C PHE C 111 8.40 -18.17 -5.48
N VAL C 112 8.89 -16.93 -5.61
CA VAL C 112 8.09 -15.73 -5.43
C VAL C 112 6.85 -15.75 -6.30
N GLN C 113 6.98 -16.21 -7.54
CA GLN C 113 5.84 -16.26 -8.45
C GLN C 113 4.68 -17.05 -7.87
N GLN C 114 4.97 -18.23 -7.32
CA GLN C 114 3.91 -19.05 -6.72
C GLN C 114 3.49 -18.50 -5.37
N ARG C 115 4.43 -17.91 -4.62
CA ARG C 115 4.11 -17.34 -3.31
C ARG C 115 3.06 -16.24 -3.43
N ARG C 116 3.33 -15.26 -4.29
CA ARG C 116 2.42 -14.12 -4.45
C ARG C 116 1.01 -14.58 -4.84
N LYS C 117 0.91 -15.66 -5.61
CA LYS C 117 -0.40 -16.20 -5.96
C LYS C 117 -1.05 -16.87 -4.76
N LEU C 118 -0.29 -17.70 -4.03
CA LEU C 118 -0.86 -18.38 -2.87
C LEU C 118 -1.21 -17.40 -1.76
N GLU C 119 -0.49 -16.28 -1.66
CA GLU C 119 -0.76 -15.28 -0.66
C GLU C 119 -1.89 -14.33 -1.07
N LEU C 120 -2.70 -14.71 -2.05
CA LEU C 120 -3.90 -13.97 -2.38
C LEU C 120 -5.06 -14.33 -1.47
N SER C 121 -5.10 -15.57 -1.00
CA SER C 121 -6.11 -16.02 -0.06
C SER C 121 -5.48 -16.27 1.30
N THR C 122 -6.34 -16.39 2.31
CA THR C 122 -5.87 -16.62 3.68
C THR C 122 -5.87 -18.10 4.05
N TYR C 123 -7.01 -18.75 3.93
CA TYR C 123 -7.14 -20.18 4.19
C TYR C 123 -7.36 -20.91 2.87
N MET C 124 -6.63 -22.00 2.67
CA MET C 124 -6.74 -22.77 1.45
C MET C 124 -6.60 -24.25 1.79
N ARG C 125 -7.35 -25.08 1.06
CA ARG C 125 -7.37 -26.52 1.30
C ARG C 125 -7.20 -27.24 -0.03
N PHE C 126 -6.16 -28.07 -0.11
CA PHE C 126 -5.82 -28.71 -1.38
C PHE C 126 -4.90 -29.90 -1.12
N ASP C 127 -5.04 -30.92 -1.95
CA ASP C 127 -4.08 -32.02 -2.00
C ASP C 127 -3.22 -31.90 -3.26
N ALA C 128 -2.03 -32.48 -3.20
CA ALA C 128 -1.02 -32.23 -4.21
C ALA C 128 -0.56 -33.53 -4.83
N GLU C 129 -0.15 -33.44 -6.10
CA GLU C 129 0.46 -34.55 -6.83
C GLU C 129 1.89 -34.16 -7.17
N PHE C 130 2.85 -34.97 -6.76
CA PHE C 130 4.27 -34.66 -6.89
C PHE C 130 4.89 -35.52 -7.97
N THR C 131 5.59 -34.88 -8.91
CA THR C 131 6.34 -35.57 -9.95
C THR C 131 7.81 -35.21 -9.84
N PHE C 132 8.67 -36.19 -10.10
CA PHE C 132 10.11 -36.02 -9.94
C PHE C 132 10.79 -36.26 -11.28
N VAL C 133 11.21 -35.18 -11.93
CA VAL C 133 11.96 -35.26 -13.18
C VAL C 133 13.45 -35.28 -12.87
N SER C 134 14.00 -36.47 -12.68
CA SER C 134 15.40 -36.63 -12.28
C SER C 134 16.24 -37.10 -13.45
N ASN C 135 17.52 -36.69 -13.42
CA ASN C 135 18.50 -37.04 -14.44
C ASN C 135 19.87 -36.63 -13.94
N LEU C 136 20.90 -37.02 -14.67
CA LEU C 136 22.26 -36.64 -14.31
C LEU C 136 22.53 -35.20 -14.69
N ASN C 137 23.77 -34.76 -14.58
CA ASN C 137 24.11 -33.37 -14.87
C ASN C 137 24.48 -33.13 -16.32
N ASN C 138 24.41 -34.16 -17.17
CA ASN C 138 24.57 -34.02 -18.61
C ASN C 138 23.34 -34.58 -19.33
N SER C 139 22.20 -34.57 -18.64
CA SER C 139 20.88 -34.88 -19.20
C SER C 139 20.70 -36.37 -19.50
N THR C 140 21.76 -37.16 -19.36
CA THR C 140 21.64 -38.60 -19.59
C THR C 140 20.93 -39.26 -18.42
N THR C 141 20.11 -40.27 -18.73
CA THR C 141 19.32 -41.00 -17.74
C THR C 141 19.76 -42.46 -17.71
N PRO C 142 20.78 -42.82 -16.92
CA PRO C 142 21.21 -44.22 -16.84
C PRO C 142 20.22 -45.07 -16.06
N GLY C 143 20.59 -46.33 -15.81
CA GLY C 143 19.69 -47.25 -15.15
C GLY C 143 19.67 -47.15 -13.64
N MET C 144 20.46 -46.24 -13.08
CA MET C 144 20.60 -46.08 -11.63
C MET C 144 19.26 -46.06 -10.92
N LEU C 145 19.15 -46.83 -9.85
CA LEU C 145 17.92 -46.92 -9.08
C LEU C 145 17.86 -45.80 -8.04
N LEU C 146 16.66 -45.30 -7.78
CA LEU C 146 16.44 -44.22 -6.84
C LEU C 146 15.29 -44.56 -5.90
N GLN C 147 15.39 -44.05 -4.68
CA GLN C 147 14.35 -44.23 -3.67
C GLN C 147 13.81 -42.86 -3.25
N TYR C 148 12.51 -42.68 -3.39
CA TYR C 148 11.84 -41.44 -2.98
C TYR C 148 11.02 -41.74 -1.74
N MET C 149 11.54 -41.37 -0.58
CA MET C 149 10.87 -41.64 0.69
C MET C 149 10.15 -40.39 1.16
N TYR C 150 8.89 -40.55 1.53
CA TYR C 150 8.05 -39.44 1.99
C TYR C 150 7.96 -39.51 3.51
N VAL C 151 8.82 -38.74 4.18
CA VAL C 151 8.77 -38.62 5.63
C VAL C 151 7.54 -37.82 6.03
N PRO C 152 6.55 -38.42 6.66
CA PRO C 152 5.29 -37.72 6.95
C PRO C 152 5.52 -36.56 7.91
N PRO C 153 4.50 -35.70 8.11
CA PRO C 153 4.66 -34.60 9.05
C PRO C 153 4.68 -35.04 10.50
N GLY C 154 5.86 -35.36 11.01
CA GLY C 154 5.97 -35.83 12.38
C GLY C 154 6.68 -37.17 12.51
N ALA C 155 7.51 -37.49 11.52
CA ALA C 155 8.35 -38.68 11.56
C ALA C 155 9.80 -38.23 11.48
N PRO C 156 10.71 -38.89 12.20
CA PRO C 156 12.12 -38.49 12.14
C PRO C 156 12.70 -38.68 10.76
N LYS C 157 13.47 -37.70 10.32
CA LYS C 157 14.07 -37.70 9.00
C LYS C 157 15.36 -38.50 8.99
N PRO C 158 15.73 -39.08 7.84
CA PRO C 158 17.00 -39.79 7.75
C PRO C 158 18.17 -38.85 7.94
N ASP C 159 19.34 -39.43 8.21
CA ASP C 159 20.53 -38.64 8.44
C ASP C 159 21.77 -39.15 7.72
N SER C 160 21.67 -40.21 6.92
CA SER C 160 22.82 -40.73 6.18
C SER C 160 22.30 -41.63 5.07
N ARG C 161 23.22 -41.96 4.14
CA ARG C 161 22.89 -42.91 3.09
C ARG C 161 22.47 -44.24 3.68
N LYS C 162 23.23 -44.73 4.66
CA LYS C 162 22.91 -45.96 5.38
C LYS C 162 22.34 -45.55 6.74
N SER C 163 21.01 -45.53 6.83
CA SER C 163 20.34 -45.14 8.07
C SER C 163 19.05 -45.95 8.23
N TYR C 164 18.74 -46.29 9.47
CA TYR C 164 17.56 -47.06 9.81
C TYR C 164 16.28 -46.47 9.22
N GLN C 165 16.22 -45.14 9.14
CA GLN C 165 15.00 -44.48 8.68
C GLN C 165 14.62 -44.89 7.27
N TRP C 166 15.60 -45.29 6.45
CA TRP C 166 15.31 -45.66 5.08
C TRP C 166 14.48 -46.94 4.97
N GLN C 167 14.21 -47.64 6.07
CA GLN C 167 13.49 -48.90 6.05
C GLN C 167 12.13 -48.84 6.72
N THR C 168 11.86 -47.83 7.54
CA THR C 168 10.60 -47.72 8.26
C THR C 168 9.41 -47.81 7.33
N ALA C 169 8.56 -48.83 7.57
CA ALA C 169 7.43 -49.09 6.69
C ALA C 169 6.33 -48.05 6.79
N THR C 170 6.41 -47.13 7.74
CA THR C 170 5.43 -46.06 7.83
C THR C 170 5.72 -44.92 6.89
N ASN C 171 6.96 -44.82 6.40
CA ASN C 171 7.33 -43.82 5.41
C ASN C 171 7.23 -44.42 4.02
N PRO C 172 6.17 -44.12 3.27
CA PRO C 172 6.03 -44.71 1.93
C PRO C 172 7.19 -44.32 1.02
N SER C 173 7.68 -45.31 0.28
CA SER C 173 8.79 -45.12 -0.63
C SER C 173 8.37 -45.49 -2.05
N VAL C 174 9.03 -44.87 -3.01
CA VAL C 174 8.82 -45.16 -4.43
C VAL C 174 10.17 -45.54 -5.04
N PHE C 175 10.25 -46.74 -5.58
CA PHE C 175 11.50 -47.29 -6.10
C PHE C 175 11.45 -47.27 -7.62
N ALA C 176 11.93 -46.19 -8.22
CA ALA C 176 12.00 -46.06 -9.66
C ALA C 176 13.41 -45.70 -10.08
N LYS C 177 13.71 -45.93 -11.35
CA LYS C 177 15.04 -45.71 -11.90
C LYS C 177 15.11 -44.38 -12.64
N LEU C 178 16.33 -43.95 -12.92
CA LEU C 178 16.51 -42.73 -13.70
C LEU C 178 15.92 -42.88 -15.09
N SER C 179 16.04 -44.05 -15.69
CA SER C 179 15.55 -44.29 -17.05
C SER C 179 14.16 -44.89 -17.01
N ASP C 180 13.22 -44.10 -16.49
CA ASP C 180 11.83 -44.50 -16.39
C ASP C 180 10.99 -43.24 -16.38
N PRO C 181 9.73 -43.32 -16.81
CA PRO C 181 8.82 -42.17 -16.69
C PRO C 181 8.85 -41.60 -15.29
N PRO C 182 8.88 -40.29 -15.15
CA PRO C 182 9.03 -39.66 -13.83
C PRO C 182 7.99 -40.17 -12.85
N PRO C 183 8.40 -40.55 -11.65
CA PRO C 183 7.44 -41.05 -10.66
C PRO C 183 6.48 -39.96 -10.21
N GLN C 184 5.23 -40.35 -10.00
CA GLN C 184 4.16 -39.40 -9.73
C GLN C 184 3.28 -39.95 -8.61
N VAL C 185 3.35 -39.33 -7.44
CA VAL C 185 2.55 -39.75 -6.30
C VAL C 185 1.52 -38.66 -5.99
N SER C 186 0.65 -38.90 -5.02
CA SER C 186 -0.41 -37.96 -4.70
C SER C 186 -0.52 -37.83 -3.18
N VAL C 187 0.02 -36.74 -2.65
CA VAL C 187 0.00 -36.45 -1.22
C VAL C 187 -1.38 -35.94 -0.84
N PRO C 188 -2.00 -36.45 0.23
CA PRO C 188 -3.32 -35.94 0.61
C PRO C 188 -3.24 -34.64 1.39
N PHE C 189 -4.38 -34.16 1.87
CA PHE C 189 -4.43 -32.92 2.64
C PHE C 189 -3.96 -33.20 4.06
N MET C 190 -2.69 -32.91 4.34
CA MET C 190 -2.04 -33.28 5.59
C MET C 190 -1.93 -32.04 6.47
N SER C 191 -2.95 -31.79 7.29
CA SER C 191 -2.93 -30.64 8.18
C SER C 191 -3.87 -30.86 9.36
N PRO C 192 -3.43 -30.54 10.58
CA PRO C 192 -4.32 -30.66 11.75
C PRO C 192 -5.59 -29.84 11.63
N ALA C 193 -5.48 -28.59 11.20
CA ALA C 193 -6.63 -27.69 11.13
C ALA C 193 -7.47 -28.01 9.90
N THR C 194 -8.46 -27.16 9.62
CA THR C 194 -9.36 -27.42 8.50
C THR C 194 -8.73 -27.08 7.16
N ALA C 195 -7.83 -26.09 7.12
CA ALA C 195 -7.20 -25.69 5.87
C ALA C 195 -5.88 -25.01 6.19
N TYR C 196 -5.02 -24.95 5.17
CA TYR C 196 -3.73 -24.31 5.33
C TYR C 196 -3.90 -22.82 5.63
N GLN C 197 -2.94 -22.26 6.36
CA GLN C 197 -3.02 -20.88 6.83
C GLN C 197 -1.74 -20.18 6.42
N TRP C 198 -1.79 -19.38 5.35
CA TRP C 198 -0.61 -18.66 4.91
C TRP C 198 -0.32 -17.44 5.78
N PHE C 199 -1.35 -16.88 6.41
CA PHE C 199 -1.20 -15.74 7.31
C PHE C 199 -1.77 -16.15 8.66
N TYR C 200 -0.91 -16.24 9.67
CA TYR C 200 -1.31 -16.65 11.01
C TYR C 200 -0.91 -15.55 11.98
N ASP C 201 -1.81 -14.57 12.16
CA ASP C 201 -1.57 -13.54 13.15
C ASP C 201 -1.61 -14.14 14.54
N GLY C 202 -0.49 -14.15 15.23
CA GLY C 202 -0.44 -14.71 16.57
C GLY C 202 0.84 -15.50 16.78
N TYR C 203 1.04 -15.90 18.03
CA TYR C 203 2.22 -16.65 18.43
C TYR C 203 1.86 -18.10 18.68
N PRO C 204 2.66 -19.04 18.19
CA PRO C 204 2.43 -20.46 18.52
C PRO C 204 3.07 -20.79 19.85
N THR C 205 2.94 -22.06 20.26
CA THR C 205 3.54 -22.56 21.48
C THR C 205 3.09 -21.73 22.68
N PHE C 206 1.81 -21.81 23.02
CA PHE C 206 1.21 -21.06 24.13
C PHE C 206 2.05 -21.11 25.40
N ASN C 214 10.22 -12.92 19.17
CA ASN C 214 10.36 -12.26 17.88
C ASN C 214 10.51 -13.29 16.75
N LEU C 215 11.27 -14.34 17.01
CA LEU C 215 11.56 -15.34 15.99
C LEU C 215 10.40 -16.35 15.88
N GLN C 216 9.23 -15.97 16.38
CA GLN C 216 8.08 -16.86 16.35
C GLN C 216 6.79 -16.23 15.85
N TYR C 217 6.74 -14.92 15.63
CA TYR C 217 5.51 -14.28 15.22
C TYR C 217 5.10 -14.73 13.82
N GLY C 218 3.86 -15.16 13.68
CA GLY C 218 3.33 -15.52 12.38
C GLY C 218 3.93 -16.76 11.77
N GLN C 219 4.24 -17.76 12.58
CA GLN C 219 4.80 -19.03 12.11
C GLN C 219 3.82 -20.14 12.49
N CYS C 220 2.95 -20.50 11.57
CA CYS C 220 2.01 -21.56 11.88
C CYS C 220 2.68 -22.91 11.65
N PRO C 221 2.68 -23.81 12.64
CA PRO C 221 3.27 -25.14 12.45
C PRO C 221 2.32 -26.15 11.81
N ASN C 222 1.06 -25.78 11.59
CA ASN C 222 0.08 -26.66 10.97
C ASN C 222 0.04 -26.52 9.45
N ASN C 223 1.12 -26.06 8.85
CA ASN C 223 1.24 -25.97 7.40
C ASN C 223 2.30 -26.91 6.85
N MET C 224 3.00 -27.65 7.70
CA MET C 224 4.02 -28.58 7.23
C MET C 224 3.36 -29.76 6.55
N MET C 225 3.80 -30.07 5.34
CA MET C 225 3.26 -31.20 4.59
C MET C 225 4.14 -32.44 4.65
N GLY C 226 5.40 -32.29 5.04
CA GLY C 226 6.26 -33.45 5.19
C GLY C 226 7.67 -33.23 4.65
N HIS C 227 8.32 -34.31 4.24
CA HIS C 227 9.67 -34.24 3.71
C HIS C 227 9.82 -35.31 2.64
N PHE C 228 10.57 -35.01 1.60
CA PHE C 228 10.87 -35.96 0.55
C PHE C 228 12.37 -36.22 0.56
N ALA C 229 12.76 -37.39 1.05
CA ALA C 229 14.15 -37.80 1.10
C ALA C 229 14.44 -38.69 -0.10
N ILE C 230 15.49 -38.35 -0.85
CA ILE C 230 15.82 -39.02 -2.10
C ILE C 230 17.27 -39.50 -2.00
N ARG C 231 17.48 -40.78 -2.26
CA ARG C 231 18.81 -41.37 -2.27
C ARG C 231 18.93 -42.38 -3.40
N THR C 232 20.15 -42.56 -3.89
CA THR C 232 20.47 -43.60 -4.85
C THR C 232 20.73 -44.88 -4.08
N VAL C 233 20.02 -45.94 -4.44
CA VAL C 233 20.16 -47.20 -3.70
C VAL C 233 21.51 -47.80 -4.06
N SER C 234 22.49 -47.57 -3.21
CA SER C 234 23.87 -47.96 -3.49
C SER C 234 24.54 -48.40 -2.20
N GLU C 235 25.76 -48.89 -2.32
CA GLU C 235 26.57 -49.32 -1.19
C GLU C 235 27.74 -48.37 -0.95
N SER C 236 28.54 -48.12 -1.97
CA SER C 236 29.62 -47.14 -1.92
C SER C 236 29.27 -45.95 -2.79
N THR C 237 30.14 -44.94 -2.76
CA THR C 237 29.90 -43.73 -3.52
C THR C 237 29.86 -44.04 -5.01
N THR C 238 28.85 -43.50 -5.69
CA THR C 238 28.70 -43.76 -7.13
C THR C 238 29.50 -42.77 -7.97
N GLY C 239 29.56 -41.52 -7.55
CA GLY C 239 30.28 -40.51 -8.30
C GLY C 239 29.47 -39.81 -9.37
N LYS C 240 28.16 -39.70 -9.18
CA LYS C 240 27.28 -39.07 -10.15
C LYS C 240 26.25 -38.23 -9.40
N ASN C 241 26.27 -36.92 -9.63
CA ASN C 241 25.27 -36.04 -9.03
C ASN C 241 23.96 -36.19 -9.79
N ILE C 242 22.86 -36.27 -9.05
CA ILE C 242 21.54 -36.45 -9.63
C ILE C 242 20.71 -35.21 -9.28
N HIS C 243 20.32 -34.46 -10.29
CA HIS C 243 19.47 -33.28 -10.10
C HIS C 243 18.01 -33.69 -10.26
N VAL C 244 17.20 -33.38 -9.26
CA VAL C 244 15.78 -33.69 -9.27
C VAL C 244 15.01 -32.38 -9.32
N ARG C 245 13.92 -32.37 -10.09
CA ARG C 245 13.07 -31.20 -10.23
C ARG C 245 11.67 -31.59 -9.76
N VAL C 246 11.33 -31.20 -8.55
CA VAL C 246 10.04 -31.56 -7.98
C VAL C 246 8.96 -30.68 -8.60
N TYR C 247 7.91 -31.33 -9.11
CA TYR C 247 6.78 -30.63 -9.71
C TYR C 247 5.53 -30.94 -8.91
N MET C 248 4.81 -29.90 -8.50
CA MET C 248 3.63 -30.04 -7.67
C MET C 248 2.41 -29.48 -8.39
N ARG C 249 1.31 -30.24 -8.33
CA ARG C 249 0.03 -29.82 -8.89
C ARG C 249 -0.99 -29.71 -7.77
N ILE C 250 -1.74 -28.61 -7.75
CA ILE C 250 -2.73 -28.36 -6.71
C ILE C 250 -4.09 -28.82 -7.22
N LYS C 251 -4.71 -29.74 -6.50
CA LYS C 251 -6.01 -30.28 -6.89
C LYS C 251 -7.03 -30.00 -5.80
N HIS C 252 -8.30 -29.91 -6.20
CA HIS C 252 -9.43 -29.78 -5.29
C HIS C 252 -9.31 -28.52 -4.43
N VAL C 253 -8.69 -27.48 -4.97
CA VAL C 253 -8.36 -26.30 -4.18
C VAL C 253 -9.63 -25.50 -3.86
N ARG C 254 -9.74 -25.04 -2.62
CA ARG C 254 -10.80 -24.13 -2.20
C ARG C 254 -10.17 -23.06 -1.33
N ALA C 255 -10.37 -21.80 -1.70
CA ALA C 255 -9.71 -20.67 -1.05
C ALA C 255 -10.72 -19.84 -0.28
N TRP C 256 -10.24 -19.14 0.74
CA TRP C 256 -11.08 -18.37 1.63
C TRP C 256 -10.43 -17.02 1.93
N VAL C 257 -11.27 -16.00 2.11
CA VAL C 257 -10.85 -14.69 2.59
C VAL C 257 -9.80 -14.08 1.67
N PRO C 258 -10.17 -13.61 0.48
CA PRO C 258 -9.18 -13.01 -0.42
C PRO C 258 -8.47 -11.82 0.22
N ARG C 259 -7.24 -11.60 -0.20
CA ARG C 259 -6.38 -10.55 0.32
C ARG C 259 -5.79 -9.76 -0.82
N PRO C 260 -5.37 -8.51 -0.56
CA PRO C 260 -4.66 -7.75 -1.59
C PRO C 260 -3.36 -8.43 -1.98
N LEU C 261 -3.03 -8.34 -3.26
CA LEU C 261 -1.79 -8.94 -3.75
C LEU C 261 -0.59 -8.16 -3.26
N ARG C 262 0.44 -8.90 -2.82
CA ARG C 262 1.66 -8.28 -2.30
C ARG C 262 2.23 -7.30 -3.30
N SER C 263 2.54 -6.09 -2.82
CA SER C 263 3.07 -5.03 -3.67
C SER C 263 4.57 -4.84 -3.48
N GLN C 264 5.04 -4.81 -2.23
CA GLN C 264 6.46 -4.67 -1.99
C GLN C 264 7.18 -5.98 -2.30
N ALA C 265 8.50 -5.92 -2.30
CA ALA C 265 9.30 -7.11 -2.52
C ALA C 265 9.19 -8.06 -1.34
N TYR C 266 9.81 -9.22 -1.48
CA TYR C 266 9.88 -10.22 -0.42
C TYR C 266 11.30 -10.21 0.12
N MET C 267 11.52 -9.49 1.24
CA MET C 267 12.87 -9.32 1.74
C MET C 267 13.41 -10.59 2.40
N VAL C 268 12.53 -11.45 2.91
CA VAL C 268 12.96 -12.67 3.59
C VAL C 268 11.82 -13.66 3.52
N LYS C 269 12.15 -14.95 3.52
CA LYS C 269 11.13 -15.99 3.48
C LYS C 269 10.52 -16.19 4.85
N ASN C 270 9.27 -16.66 4.86
CA ASN C 270 8.45 -16.97 6.03
C ASN C 270 7.95 -15.73 6.76
N TYR C 271 8.33 -14.54 6.33
CA TYR C 271 7.92 -13.30 6.96
C TYR C 271 7.42 -12.33 5.91
N PRO C 272 6.58 -11.36 6.29
CA PRO C 272 6.13 -10.36 5.32
C PRO C 272 7.03 -9.15 5.30
N THR C 273 8.22 -9.29 5.88
CA THR C 273 9.14 -8.16 6.03
C THR C 273 9.42 -7.50 4.69
N TYR C 274 9.28 -6.18 4.65
CA TYR C 274 9.63 -5.38 3.48
C TYR C 274 10.80 -4.46 3.82
N SER C 275 11.15 -3.60 2.87
CA SER C 275 12.28 -2.70 3.03
C SER C 275 11.79 -1.26 3.23
N GLN C 276 12.69 -0.44 3.76
CA GLN C 276 12.34 0.95 4.08
C GLN C 276 11.91 1.71 2.83
N THR C 277 12.69 1.62 1.76
CA THR C 277 12.41 2.39 0.55
C THR C 277 11.16 1.82 -0.11
N ILE C 278 10.03 2.47 0.12
CA ILE C 278 8.77 2.01 -0.44
C ILE C 278 8.77 2.21 -1.94
N THR C 279 8.19 1.25 -2.66
CA THR C 279 8.04 1.31 -4.11
C THR C 279 6.57 1.52 -4.43
N ASN C 280 6.26 2.63 -5.09
CA ASN C 280 4.87 2.95 -5.42
C ASN C 280 4.29 1.87 -6.33
N THR C 281 3.03 1.51 -6.06
CA THR C 281 2.37 0.46 -6.83
C THR C 281 2.25 0.86 -8.30
N ALA C 282 1.79 2.09 -8.55
CA ALA C 282 1.60 2.59 -9.90
C ALA C 282 2.82 3.38 -10.37
N THR C 283 3.11 3.28 -11.65
CA THR C 283 4.25 4.00 -12.22
C THR C 283 3.97 5.49 -12.24
N ASP C 284 5.04 6.28 -12.09
CA ASP C 284 4.93 7.73 -11.97
C ASP C 284 5.10 8.39 -13.33
N ARG C 285 4.13 9.21 -13.72
CA ARG C 285 4.19 9.98 -14.95
C ARG C 285 4.57 11.43 -14.64
N ALA C 286 4.63 12.25 -15.70
CA ALA C 286 5.13 13.61 -15.55
C ALA C 286 4.14 14.48 -14.79
N SER C 287 2.93 14.61 -15.31
CA SER C 287 1.90 15.42 -14.67
C SER C 287 0.62 14.61 -14.56
N ILE C 288 -0.30 15.10 -13.72
CA ILE C 288 -1.54 14.39 -13.49
C ILE C 288 -2.45 14.44 -14.73
N THR C 289 -2.23 15.41 -15.62
CA THR C 289 -3.11 15.63 -16.76
C THR C 289 -2.46 15.27 -18.09
N THR C 290 -1.57 14.27 -18.09
CA THR C 290 -0.90 13.82 -19.30
C THR C 290 -1.13 12.33 -19.49
N THR C 291 -1.40 11.95 -20.74
CA THR C 291 -1.58 10.54 -21.08
C THR C 291 -0.53 10.11 -22.12
N GLY D 1 -9.49 -56.45 -24.69
CA GLY D 1 -8.48 -55.40 -24.65
C GLY D 1 -7.14 -55.90 -24.17
N PHE D 2 -6.82 -57.15 -24.47
CA PHE D 2 -5.56 -57.75 -24.06
C PHE D 2 -4.41 -57.27 -24.96
N PRO D 3 -4.51 -57.36 -26.30
CA PRO D 3 -3.39 -56.87 -27.12
C PRO D 3 -3.48 -55.38 -27.40
N THR D 4 -2.44 -54.64 -27.04
CA THR D 4 -2.40 -53.21 -27.26
C THR D 4 -1.04 -52.80 -27.82
N GLU D 5 -1.04 -51.80 -28.69
CA GLU D 5 0.18 -51.16 -29.16
C GLU D 5 0.21 -49.72 -28.64
N LEU D 6 1.39 -49.29 -28.20
CA LEU D 6 1.54 -47.98 -27.57
C LEU D 6 1.58 -46.91 -28.66
N LYS D 7 0.50 -46.12 -28.76
CA LYS D 7 0.49 -45.00 -29.67
C LYS D 7 1.45 -43.92 -29.17
N PRO D 8 1.92 -43.05 -30.07
CA PRO D 8 2.91 -42.05 -29.67
C PRO D 8 2.40 -41.13 -28.57
N GLY D 9 3.35 -40.51 -27.87
CA GLY D 9 3.04 -39.74 -26.69
C GLY D 9 3.20 -40.49 -25.39
N THR D 10 3.95 -41.58 -25.38
CA THR D 10 4.14 -42.41 -24.20
C THR D 10 5.38 -41.95 -23.44
N ASN D 11 5.40 -42.26 -22.14
CA ASN D 11 6.50 -41.91 -21.24
C ASN D 11 6.78 -40.42 -21.21
N GLN D 12 5.83 -39.60 -21.66
CA GLN D 12 5.99 -38.16 -21.64
C GLN D 12 5.30 -37.58 -20.41
N PHE D 13 5.82 -36.45 -19.95
CA PHE D 13 5.28 -35.75 -18.78
C PHE D 13 4.84 -34.37 -19.24
N LEU D 14 3.53 -34.15 -19.29
CA LEU D 14 2.95 -32.89 -19.70
C LEU D 14 2.42 -32.20 -18.45
N THR D 15 3.03 -31.07 -18.09
CA THR D 15 2.69 -30.41 -16.84
C THR D 15 1.21 -30.08 -16.77
N THR D 16 0.70 -29.34 -17.74
CA THR D 16 -0.70 -28.94 -17.73
C THR D 16 -1.60 -30.10 -18.11
N ASP D 17 -1.68 -31.11 -17.26
CA ASP D 17 -2.49 -32.29 -17.49
C ASP D 17 -3.32 -32.61 -16.25
N ASP D 18 -4.40 -33.36 -16.47
CA ASP D 18 -5.31 -33.75 -15.40
C ASP D 18 -5.29 -35.27 -15.20
N GLY D 19 -4.10 -35.85 -15.22
CA GLY D 19 -3.97 -37.28 -15.03
C GLY D 19 -4.29 -37.70 -13.61
N THR D 20 -4.04 -38.97 -13.35
CA THR D 20 -4.28 -39.57 -12.04
C THR D 20 -2.97 -40.11 -11.48
N SER D 21 -2.99 -40.43 -10.20
CA SER D 21 -1.81 -40.90 -9.49
C SER D 21 -2.24 -41.68 -8.27
N PRO D 22 -1.39 -42.54 -7.73
CA PRO D 22 -1.77 -43.33 -6.55
C PRO D 22 -1.64 -42.50 -5.29
N PRO D 23 -2.59 -42.62 -4.36
CA PRO D 23 -2.46 -41.90 -3.09
C PRO D 23 -1.33 -42.49 -2.26
N ILE D 24 -0.40 -41.62 -1.85
CA ILE D 24 0.77 -42.07 -1.12
C ILE D 24 0.46 -42.45 0.32
N LEU D 25 -0.77 -42.23 0.77
CA LEU D 25 -1.19 -42.61 2.12
C LEU D 25 -2.64 -43.07 2.07
N PRO D 26 -2.89 -44.32 1.71
CA PRO D 26 -4.25 -44.83 1.69
C PRO D 26 -4.80 -44.99 3.09
N GLY D 27 -6.13 -45.00 3.19
CA GLY D 27 -6.78 -45.17 4.47
C GLY D 27 -6.82 -43.89 5.28
N PHE D 28 -5.84 -43.01 5.06
CA PHE D 28 -5.76 -41.74 5.76
C PHE D 28 -7.05 -40.95 5.63
N GLU D 29 -7.54 -40.43 6.76
CA GLU D 29 -8.76 -39.63 6.79
C GLU D 29 -8.39 -38.19 7.15
N PRO D 30 -8.31 -37.29 6.18
CA PRO D 30 -7.89 -35.91 6.48
C PRO D 30 -8.90 -35.22 7.38
N THR D 31 -8.45 -34.12 7.98
CA THR D 31 -9.32 -33.34 8.86
C THR D 31 -10.59 -32.95 8.12
N PRO D 32 -11.77 -33.17 8.71
CA PRO D 32 -13.01 -32.86 8.00
C PRO D 32 -13.12 -31.37 7.69
N LEU D 33 -14.13 -31.04 6.90
CA LEU D 33 -14.32 -29.70 6.38
C LEU D 33 -15.41 -29.01 7.18
N ILE D 34 -15.03 -27.98 7.94
CA ILE D 34 -15.99 -27.16 8.65
C ILE D 34 -16.22 -25.89 7.84
N HIS D 35 -17.37 -25.26 8.07
CA HIS D 35 -17.78 -24.11 7.28
C HIS D 35 -16.98 -22.89 7.71
N ILE D 36 -16.04 -22.47 6.88
CA ILE D 36 -15.28 -21.24 7.09
C ILE D 36 -15.94 -20.13 6.28
N PRO D 37 -16.26 -18.98 6.87
CA PRO D 37 -16.96 -17.94 6.12
C PRO D 37 -16.07 -17.22 5.14
N GLY D 38 -16.64 -16.89 3.99
CA GLY D 38 -15.96 -16.06 3.02
C GLY D 38 -15.16 -16.81 1.97
N GLU D 39 -15.79 -17.77 1.30
CA GLU D 39 -15.14 -18.50 0.21
C GLU D 39 -15.37 -17.77 -1.10
N PHE D 40 -14.30 -17.59 -1.88
CA PHE D 40 -14.39 -17.02 -3.21
C PHE D 40 -13.97 -18.08 -4.22
N THR D 41 -14.82 -18.33 -5.20
CA THR D 41 -14.60 -19.38 -6.19
C THR D 41 -14.32 -18.83 -7.57
N SER D 42 -14.10 -17.53 -7.71
CA SER D 42 -13.85 -16.94 -9.02
C SER D 42 -13.13 -15.62 -8.84
N LEU D 43 -12.09 -15.40 -9.65
CA LEU D 43 -11.39 -14.12 -9.62
C LEU D 43 -12.22 -12.99 -10.20
N LEU D 44 -13.27 -13.31 -10.96
CA LEU D 44 -14.17 -12.27 -11.44
C LEU D 44 -14.88 -11.58 -10.27
N ASP D 45 -15.36 -12.36 -9.31
CA ASP D 45 -15.99 -11.77 -8.12
C ASP D 45 -15.00 -10.94 -7.31
N LEU D 46 -13.69 -11.16 -7.49
CA LEU D 46 -12.71 -10.30 -6.85
C LEU D 46 -12.47 -9.03 -7.67
N CYS D 47 -12.56 -9.13 -8.99
CA CYS D 47 -12.38 -7.94 -9.83
C CYS D 47 -13.54 -6.96 -9.64
N GLN D 48 -14.76 -7.46 -9.54
CA GLN D 48 -15.93 -6.59 -9.46
C GLN D 48 -16.00 -5.78 -8.16
N VAL D 49 -15.01 -5.89 -7.29
CA VAL D 49 -14.99 -5.14 -6.03
C VAL D 49 -14.17 -3.87 -6.24
N GLU D 50 -14.74 -2.73 -5.87
CA GLU D 50 -14.09 -1.45 -6.12
C GLU D 50 -12.88 -1.26 -5.21
N THR D 51 -11.77 -0.83 -5.81
CA THR D 51 -10.59 -0.42 -5.07
C THR D 51 -10.09 0.90 -5.63
N ILE D 52 -9.10 1.49 -4.97
CA ILE D 52 -8.65 2.83 -5.28
C ILE D 52 -7.70 2.80 -6.48
N LEU D 53 -7.74 3.87 -7.27
CA LEU D 53 -6.78 4.09 -8.35
C LEU D 53 -5.79 5.16 -7.93
N GLU D 54 -4.51 4.91 -8.16
CA GLU D 54 -3.47 5.91 -7.92
C GLU D 54 -3.47 6.91 -9.07
N VAL D 55 -4.53 7.73 -9.10
CA VAL D 55 -4.71 8.68 -10.19
C VAL D 55 -3.66 9.78 -10.14
N ASN D 56 -3.17 10.10 -8.95
CA ASN D 56 -2.17 11.15 -8.78
C ASN D 56 -0.75 10.64 -8.95
N ASN D 57 -0.57 9.50 -9.60
CA ASN D 57 0.76 8.95 -9.77
C ASN D 57 1.61 9.93 -10.56
N THR D 58 2.56 10.57 -9.89
CA THR D 58 3.37 11.61 -10.49
C THR D 58 4.74 11.59 -9.85
N THR D 59 5.74 12.01 -10.62
CA THR D 59 7.11 12.05 -10.13
C THR D 59 7.22 12.96 -8.92
N GLY D 60 7.52 12.40 -7.75
CA GLY D 60 7.70 13.19 -6.56
C GLY D 60 6.64 12.94 -5.50
N THR D 61 5.39 12.81 -5.92
CA THR D 61 4.29 12.58 -4.99
C THR D 61 4.42 11.18 -4.40
N THR D 62 4.65 11.12 -3.09
CA THR D 62 4.91 9.87 -2.39
C THR D 62 3.82 9.60 -1.36
N GLY D 63 3.80 8.37 -0.88
CA GLY D 63 2.89 8.00 0.17
C GLY D 63 1.47 7.83 -0.31
N VAL D 64 0.54 7.89 0.65
CA VAL D 64 -0.88 7.73 0.34
C VAL D 64 -1.41 8.88 -0.50
N SER D 65 -0.68 10.00 -0.56
CA SER D 65 -1.11 11.15 -1.34
C SER D 65 -1.13 10.90 -2.84
N ARG D 66 -0.81 9.68 -3.28
CA ARG D 66 -0.94 9.33 -4.70
C ARG D 66 -2.35 8.89 -5.05
N LEU D 67 -3.21 8.67 -4.06
CA LEU D 67 -4.57 8.21 -4.30
C LEU D 67 -5.58 9.36 -4.33
N LEU D 68 -5.11 10.61 -4.35
CA LEU D 68 -5.97 11.77 -4.16
C LEU D 68 -5.84 12.71 -5.36
N ILE D 69 -6.98 13.17 -5.85
CA ILE D 69 -7.04 14.15 -6.94
C ILE D 69 -7.30 15.52 -6.32
N PRO D 70 -6.37 16.48 -6.42
CA PRO D 70 -6.57 17.77 -5.76
C PRO D 70 -7.58 18.62 -6.51
N VAL D 71 -8.68 18.95 -5.83
CA VAL D 71 -9.67 19.89 -6.34
C VAL D 71 -9.60 21.12 -5.45
N ARG D 72 -9.13 22.23 -6.00
CA ARG D 72 -8.87 23.42 -5.22
C ARG D 72 -9.80 24.56 -5.66
N ALA D 73 -9.59 25.72 -5.05
CA ALA D 73 -10.48 26.87 -5.26
C ALA D 73 -10.07 27.70 -6.46
N GLN D 74 -8.83 28.20 -6.47
CA GLN D 74 -8.40 29.08 -7.54
C GLN D 74 -7.98 28.28 -8.78
N ASN D 75 -8.84 27.37 -9.21
CA ASN D 75 -8.72 26.68 -10.48
C ASN D 75 -9.87 27.20 -11.34
N ASN D 76 -9.55 28.13 -12.24
CA ASN D 76 -10.58 28.81 -13.02
C ASN D 76 -11.39 27.81 -13.83
N VAL D 77 -12.56 28.27 -14.30
CA VAL D 77 -13.48 27.39 -14.99
C VAL D 77 -12.86 26.87 -16.28
N ASP D 78 -13.41 25.76 -16.77
CA ASP D 78 -13.01 25.13 -18.03
C ASP D 78 -11.57 24.64 -18.00
N GLN D 79 -10.91 24.76 -16.85
CA GLN D 79 -9.57 24.19 -16.71
C GLN D 79 -9.66 22.68 -16.50
N LEU D 80 -8.53 22.02 -16.67
CA LEU D 80 -8.45 20.57 -16.51
C LEU D 80 -7.99 20.22 -15.11
N CYS D 81 -8.64 19.22 -14.52
CA CYS D 81 -8.30 18.76 -13.18
C CYS D 81 -7.44 17.49 -13.19
N ALA D 82 -7.90 16.46 -13.88
CA ALA D 82 -7.15 15.21 -13.97
C ALA D 82 -7.61 14.43 -15.18
N SER D 83 -6.79 13.46 -15.57
CA SER D 83 -7.11 12.59 -16.69
C SER D 83 -6.34 11.29 -16.52
N PHE D 84 -6.97 10.18 -16.89
CA PHE D 84 -6.34 8.88 -16.79
C PHE D 84 -6.96 7.95 -17.81
N GLN D 85 -6.13 7.17 -18.49
CA GLN D 85 -6.63 6.24 -19.48
C GLN D 85 -7.37 5.09 -18.80
N VAL D 86 -8.26 4.48 -19.56
CA VAL D 86 -9.01 3.32 -19.10
C VAL D 86 -8.30 2.10 -19.69
N ASP D 87 -7.35 1.56 -18.92
CA ASP D 87 -6.56 0.41 -19.36
C ASP D 87 -6.16 -0.41 -18.15
N PRO D 88 -7.04 -1.27 -17.67
CA PRO D 88 -6.71 -2.10 -16.50
C PRO D 88 -5.77 -3.23 -16.87
N GLY D 89 -4.47 -2.97 -16.81
CA GLY D 89 -3.49 -3.94 -17.26
C GLY D 89 -2.36 -3.32 -18.06
N ARG D 90 -2.31 -1.99 -18.05
CA ARG D 90 -1.15 -1.26 -18.53
C ARG D 90 -0.66 -0.35 -17.41
N ASN D 91 0.64 -0.12 -17.37
CA ASN D 91 1.24 0.63 -16.27
C ASN D 91 0.66 2.03 -16.18
N GLY D 92 -0.09 2.29 -15.11
CA GLY D 92 -0.72 3.58 -14.90
C GLY D 92 -1.50 3.60 -13.61
N PRO D 93 -2.50 4.48 -13.52
CA PRO D 93 -3.29 4.56 -12.29
C PRO D 93 -4.08 3.30 -11.99
N TRP D 94 -4.37 2.48 -12.98
CA TRP D 94 -5.08 1.23 -12.72
C TRP D 94 -4.18 0.16 -12.13
N GLN D 95 -2.88 0.39 -12.04
CA GLN D 95 -1.96 -0.62 -11.55
C GLN D 95 -2.11 -0.90 -10.06
N SER D 96 -2.94 -0.13 -9.36
CA SER D 96 -3.18 -0.35 -7.94
C SER D 96 -4.59 -0.82 -7.66
N THR D 97 -5.28 -1.32 -8.67
CA THR D 97 -6.64 -1.83 -8.54
C THR D 97 -6.63 -3.34 -8.63
N MET D 98 -7.52 -3.97 -7.85
CA MET D 98 -7.65 -5.44 -7.90
C MET D 98 -7.85 -5.93 -9.32
N VAL D 99 -8.50 -5.13 -10.18
CA VAL D 99 -8.60 -5.49 -11.58
C VAL D 99 -7.27 -5.26 -12.29
N GLY D 100 -6.58 -4.17 -11.95
CA GLY D 100 -5.32 -3.87 -12.61
C GLY D 100 -4.23 -4.87 -12.33
N GLN D 101 -4.38 -5.68 -11.29
CA GLN D 101 -3.41 -6.72 -10.96
C GLN D 101 -3.82 -8.08 -11.50
N ILE D 102 -5.07 -8.47 -11.34
CA ILE D 102 -5.53 -9.75 -11.88
C ILE D 102 -5.42 -9.77 -13.40
N CYS D 103 -5.78 -8.66 -14.05
CA CYS D 103 -5.63 -8.57 -15.49
C CYS D 103 -4.18 -8.69 -15.95
N ARG D 104 -3.21 -8.61 -15.03
CA ARG D 104 -1.83 -8.88 -15.36
C ARG D 104 -1.45 -10.33 -15.15
N TYR D 105 -2.37 -11.14 -14.62
CA TYR D 105 -2.22 -12.58 -14.53
C TYR D 105 -2.85 -13.29 -15.72
N TYR D 106 -3.28 -12.56 -16.74
CA TYR D 106 -3.95 -13.13 -17.90
C TYR D 106 -3.43 -12.46 -19.16
N THR D 107 -3.93 -12.88 -20.30
CA THR D 107 -3.47 -12.40 -21.59
C THR D 107 -4.47 -11.50 -22.30
N GLN D 108 -5.75 -11.86 -22.31
CA GLN D 108 -6.77 -11.07 -22.97
C GLN D 108 -7.96 -10.90 -22.03
N TRP D 109 -8.70 -9.81 -22.23
CA TRP D 109 -9.87 -9.51 -21.42
CA TRP D 109 -9.87 -9.51 -21.41
C TRP D 109 -10.76 -8.53 -22.16
N SER D 110 -12.02 -8.51 -21.77
CA SER D 110 -12.99 -7.63 -22.42
C SER D 110 -14.23 -7.52 -21.53
N GLY D 111 -14.69 -6.28 -21.33
CA GLY D 111 -15.88 -6.07 -20.54
C GLY D 111 -16.12 -4.60 -20.31
N SER D 112 -16.96 -4.31 -19.32
CA SER D 112 -17.29 -2.94 -18.93
C SER D 112 -16.75 -2.65 -17.55
N LEU D 113 -16.18 -1.47 -17.38
CA LEU D 113 -15.64 -1.03 -16.12
C LEU D 113 -16.54 0.04 -15.50
N LYS D 114 -16.12 0.57 -14.36
CA LYS D 114 -16.82 1.67 -13.72
C LYS D 114 -15.84 2.39 -12.81
N VAL D 115 -16.01 3.71 -12.71
CA VAL D 115 -15.11 4.58 -11.95
C VAL D 115 -15.98 5.43 -11.05
N THR D 116 -16.16 5.00 -9.81
CA THR D 116 -16.93 5.77 -8.84
C THR D 116 -16.06 6.86 -8.23
N PHE D 117 -16.51 8.10 -8.35
CA PHE D 117 -15.81 9.24 -7.78
C PHE D 117 -16.42 9.63 -6.45
N MET D 118 -15.58 10.15 -5.56
CA MET D 118 -16.01 10.50 -4.21
C MET D 118 -15.37 11.81 -3.82
N PHE D 119 -16.19 12.78 -3.43
CA PHE D 119 -15.72 14.09 -3.00
C PHE D 119 -15.50 14.06 -1.49
N THR D 120 -14.35 14.60 -1.06
CA THR D 120 -14.02 14.58 0.35
C THR D 120 -13.75 15.99 0.87
N GLY D 121 -14.62 16.93 0.52
CA GLY D 121 -14.53 18.29 1.01
C GLY D 121 -15.54 18.56 2.10
N SER D 122 -15.54 19.80 2.59
CA SER D 122 -16.46 20.20 3.63
C SER D 122 -17.90 20.07 3.15
N PHE D 123 -18.82 20.03 4.11
CA PHE D 123 -20.24 19.94 3.76
C PHE D 123 -20.74 21.25 3.16
N MET D 124 -20.19 22.38 3.61
CA MET D 124 -20.62 23.68 3.10
C MET D 124 -20.08 23.97 1.71
N ALA D 125 -19.03 23.28 1.29
CA ALA D 125 -18.40 23.56 -0.01
C ALA D 125 -19.28 23.04 -1.14
N THR D 126 -19.56 23.91 -2.10
CA THR D 126 -20.40 23.59 -3.24
C THR D 126 -19.63 23.87 -4.53
N GLY D 127 -20.19 23.42 -5.64
CA GLY D 127 -19.56 23.61 -6.94
C GLY D 127 -20.14 22.63 -7.95
N LYS D 128 -19.38 22.42 -9.01
CA LYS D 128 -19.81 21.53 -10.09
C LYS D 128 -18.59 21.10 -10.88
N MET D 129 -18.60 19.86 -11.36
CA MET D 129 -17.51 19.30 -12.16
C MET D 129 -18.07 18.58 -13.36
N LEU D 130 -17.28 18.57 -14.44
CA LEU D 130 -17.63 17.87 -15.66
C LEU D 130 -16.70 16.67 -15.81
N ILE D 131 -17.29 15.49 -16.00
CA ILE D 131 -16.55 14.24 -16.11
C ILE D 131 -16.88 13.63 -17.46
N ALA D 132 -15.94 13.67 -18.38
CA ALA D 132 -16.17 13.25 -19.76
C ALA D 132 -15.33 12.02 -20.08
N TYR D 133 -15.89 11.14 -20.91
CA TYR D 133 -15.24 9.92 -21.33
C TYR D 133 -15.10 9.92 -22.85
N THR D 134 -13.92 9.57 -23.33
CA THR D 134 -13.63 9.61 -24.75
C THR D 134 -13.35 8.21 -25.27
N PRO D 135 -14.04 7.78 -26.32
CA PRO D 135 -13.81 6.43 -26.86
C PRO D 135 -12.39 6.26 -27.35
N PRO D 136 -11.95 5.01 -27.59
CA PRO D 136 -10.54 4.80 -27.97
C PRO D 136 -10.16 5.47 -29.28
N GLY D 137 -11.10 5.67 -30.20
CA GLY D 137 -10.80 6.28 -31.48
C GLY D 137 -10.20 7.66 -31.37
N SER D 138 -10.91 8.58 -30.71
CA SER D 138 -10.46 9.95 -30.60
C SER D 138 -9.29 10.06 -29.61
N ALA D 139 -8.84 11.29 -29.40
CA ALA D 139 -7.80 11.61 -28.43
C ALA D 139 -8.40 12.46 -27.31
N GLN D 140 -7.55 12.85 -26.36
CA GLN D 140 -8.01 13.61 -25.22
C GLN D 140 -8.55 14.97 -25.69
N PRO D 141 -9.78 15.33 -25.31
CA PRO D 141 -10.32 16.63 -25.72
C PRO D 141 -9.52 17.78 -25.13
N THR D 142 -9.46 18.88 -25.89
CA THR D 142 -8.59 19.99 -25.54
C THR D 142 -9.28 21.04 -24.68
N THR D 143 -10.60 21.16 -24.77
CA THR D 143 -11.32 22.19 -24.04
C THR D 143 -12.59 21.60 -23.44
N ARG D 144 -13.12 22.30 -22.43
CA ARG D 144 -14.33 21.83 -21.76
C ARG D 144 -15.50 21.79 -22.73
N GLU D 145 -15.69 22.86 -23.51
CA GLU D 145 -16.76 22.89 -24.49
C GLU D 145 -16.54 21.90 -25.62
N ALA D 146 -15.37 21.29 -25.71
CA ALA D 146 -15.12 20.21 -26.66
C ALA D 146 -15.50 18.85 -26.10
N ALA D 147 -15.50 18.70 -24.78
CA ALA D 147 -15.87 17.44 -24.15
C ALA D 147 -17.34 17.36 -23.79
N MET D 148 -18.03 18.50 -23.68
CA MET D 148 -19.45 18.48 -23.41
C MET D 148 -20.22 17.77 -24.53
N LEU D 149 -19.71 17.82 -25.75
CA LEU D 149 -20.31 17.09 -26.87
C LEU D 149 -19.75 15.68 -26.95
N GLY D 150 -19.82 14.96 -25.84
CA GLY D 150 -19.34 13.59 -25.79
C GLY D 150 -20.26 12.69 -25.00
N THR D 151 -19.68 11.84 -24.14
CA THR D 151 -20.43 10.98 -23.24
C THR D 151 -19.97 11.33 -21.83
N HIS D 152 -20.59 12.34 -21.24
CA HIS D 152 -20.16 12.89 -19.97
C HIS D 152 -21.28 12.79 -18.94
N ILE D 153 -20.96 13.23 -17.73
CA ILE D 153 -21.95 13.37 -16.67
C ILE D 153 -21.57 14.59 -15.83
N VAL D 154 -22.40 15.63 -15.85
CA VAL D 154 -22.13 16.80 -15.03
C VAL D 154 -22.37 16.45 -13.58
N TRP D 155 -21.45 16.87 -12.71
CA TRP D 155 -21.43 16.43 -11.32
C TRP D 155 -21.50 17.66 -10.41
N ASP D 156 -22.59 17.79 -9.67
CA ASP D 156 -22.76 18.85 -8.70
C ASP D 156 -22.48 18.24 -7.32
N PHE D 157 -21.21 18.26 -6.91
CA PHE D 157 -20.84 17.57 -5.70
C PHE D 157 -21.41 18.22 -4.45
N GLY D 158 -21.90 19.45 -4.55
CA GLY D 158 -22.60 20.04 -3.42
C GLY D 158 -23.88 19.30 -3.09
N LEU D 159 -24.61 18.88 -4.12
CA LEU D 159 -25.86 18.16 -3.92
C LEU D 159 -25.61 16.68 -3.66
N GLN D 160 -25.01 15.99 -4.63
CA GLN D 160 -24.73 14.56 -4.55
C GLN D 160 -23.23 14.35 -4.47
N SER D 161 -22.79 13.62 -3.44
CA SER D 161 -21.38 13.56 -3.09
C SER D 161 -20.63 12.41 -3.74
N SER D 162 -21.26 11.66 -4.65
CA SER D 162 -20.59 10.54 -5.29
C SER D 162 -21.36 10.12 -6.53
N VAL D 163 -20.65 9.92 -7.64
CA VAL D 163 -21.25 9.50 -8.89
C VAL D 163 -20.49 8.29 -9.42
N THR D 164 -20.97 7.74 -10.54
CA THR D 164 -20.36 6.59 -11.18
C THR D 164 -20.33 6.83 -12.68
N LEU D 165 -19.19 6.56 -13.30
CA LEU D 165 -19.02 6.71 -14.74
C LEU D 165 -18.79 5.31 -15.32
N VAL D 166 -19.85 4.71 -15.85
CA VAL D 166 -19.77 3.36 -16.37
C VAL D 166 -19.12 3.38 -17.75
N ILE D 167 -18.00 2.72 -17.88
CA ILE D 167 -17.35 2.58 -19.19
C ILE D 167 -18.08 1.53 -20.00
N PRO D 168 -18.47 1.83 -21.25
CA PRO D 168 -19.28 0.86 -22.01
C PRO D 168 -18.54 -0.42 -22.35
N TRP D 169 -17.34 -0.32 -22.92
CA TRP D 169 -16.61 -1.51 -23.33
C TRP D 169 -15.13 -1.18 -23.45
N ILE D 170 -14.29 -2.09 -22.95
CA ILE D 170 -12.85 -1.99 -23.06
C ILE D 170 -12.30 -3.38 -23.30
N SER D 171 -11.87 -3.66 -24.53
CA SER D 171 -11.37 -4.97 -24.92
C SER D 171 -9.89 -4.89 -25.26
N ASN D 172 -9.13 -5.87 -24.77
CA ASN D 172 -7.69 -5.95 -25.02
C ASN D 172 -7.44 -7.24 -25.81
N THR D 173 -7.28 -7.11 -27.12
CA THR D 173 -6.83 -8.22 -27.96
C THR D 173 -5.67 -7.86 -28.88
N HIS D 174 -5.47 -6.59 -29.20
CA HIS D 174 -4.38 -6.18 -30.08
C HIS D 174 -4.04 -4.71 -29.87
N ALA D 188 -4.69 3.28 -27.94
CA ALA D 188 -5.96 2.82 -28.49
C ALA D 188 -6.92 2.43 -27.38
N THR D 189 -6.98 3.25 -26.34
CA THR D 189 -7.84 3.02 -25.19
C THR D 189 -8.55 4.31 -24.81
N GLY D 190 -9.65 4.16 -24.09
CA GLY D 190 -10.44 5.31 -23.69
C GLY D 190 -9.70 6.21 -22.72
N ILE D 191 -10.20 7.44 -22.59
CA ILE D 191 -9.63 8.43 -21.69
C ILE D 191 -10.77 9.06 -20.91
N VAL D 192 -10.55 9.29 -19.62
CA VAL D 192 -11.52 9.93 -18.75
C VAL D 192 -10.89 11.22 -18.22
N THR D 193 -11.56 12.33 -18.47
CA THR D 193 -11.09 13.65 -18.04
C THR D 193 -12.09 14.26 -17.08
N ILE D 194 -11.58 15.04 -16.13
CA ILE D 194 -12.39 15.72 -15.14
C ILE D 194 -12.16 17.22 -15.33
N TRP D 195 -13.20 17.93 -15.75
CA TRP D 195 -13.11 19.34 -16.08
C TRP D 195 -13.77 20.18 -15.00
N TYR D 196 -13.19 21.33 -14.71
CA TYR D 196 -13.79 22.29 -13.79
C TYR D 196 -14.96 22.99 -14.45
N GLN D 197 -16.17 22.47 -14.25
CA GLN D 197 -17.35 23.09 -14.84
C GLN D 197 -17.57 24.48 -14.27
N THR D 198 -17.85 24.56 -12.97
CA THR D 198 -17.96 25.81 -12.25
C THR D 198 -16.71 26.03 -11.41
N ASN D 199 -16.73 27.07 -10.59
CA ASN D 199 -15.64 27.35 -9.66
C ASN D 199 -15.84 26.49 -8.41
N PHE D 200 -15.04 26.77 -7.38
CA PHE D 200 -15.14 26.08 -6.09
C PHE D 200 -15.52 27.14 -5.05
N VAL D 201 -16.80 27.24 -4.73
CA VAL D 201 -17.31 28.29 -3.87
C VAL D 201 -17.49 27.76 -2.46
N VAL D 202 -17.09 28.56 -1.48
CA VAL D 202 -17.22 28.19 -0.06
C VAL D 202 -17.67 29.40 0.73
N PRO D 203 -18.41 29.16 1.82
CA PRO D 203 -18.71 30.23 2.76
C PRO D 203 -17.48 30.58 3.57
N PRO D 204 -17.50 31.68 4.32
CA PRO D 204 -16.33 32.03 5.14
C PRO D 204 -16.02 30.93 6.15
N ASP D 205 -14.77 30.91 6.60
CA ASP D 205 -14.28 29.93 7.57
C ASP D 205 -14.51 28.50 7.07
N THR D 206 -13.87 28.18 5.94
CA THR D 206 -14.00 26.87 5.32
C THR D 206 -12.78 26.62 4.41
N PRO D 207 -12.18 25.44 4.48
CA PRO D 207 -10.98 25.20 3.66
C PRO D 207 -11.29 25.24 2.18
N THR D 208 -10.34 25.78 1.41
CA THR D 208 -10.50 26.01 -0.02
C THR D 208 -9.68 25.03 -0.85
N GLU D 209 -9.56 23.79 -0.38
CA GLU D 209 -8.84 22.76 -1.13
C GLU D 209 -9.33 21.41 -0.66
N ALA D 210 -9.98 20.67 -1.55
CA ALA D 210 -10.54 19.36 -1.25
C ALA D 210 -9.87 18.30 -2.13
N ASN D 211 -10.37 17.08 -2.03
CA ASN D 211 -9.82 15.95 -2.76
C ASN D 211 -10.94 15.11 -3.36
N ILE D 212 -10.65 14.53 -4.52
CA ILE D 212 -11.53 13.56 -5.16
C ILE D 212 -10.83 12.20 -5.13
N ILE D 213 -11.58 11.17 -4.76
CA ILE D 213 -11.06 9.81 -4.67
C ILE D 213 -11.80 8.96 -5.68
N ALA D 214 -11.05 8.36 -6.60
CA ALA D 214 -11.63 7.53 -7.65
C ALA D 214 -11.46 6.05 -7.30
N LEU D 215 -12.50 5.26 -7.57
CA LEU D 215 -12.49 3.83 -7.30
C LEU D 215 -12.87 3.09 -8.56
N GLY D 216 -12.06 2.09 -8.93
CA GLY D 216 -12.29 1.35 -10.15
C GLY D 216 -12.73 -0.08 -9.90
N ALA D 217 -13.41 -0.67 -10.88
CA ALA D 217 -13.96 -2.02 -10.73
C ALA D 217 -14.18 -2.59 -12.11
N ALA D 218 -14.94 -3.69 -12.19
CA ALA D 218 -15.30 -4.30 -13.46
C ALA D 218 -16.74 -4.77 -13.37
N GLN D 219 -17.54 -4.44 -14.38
CA GLN D 219 -18.95 -4.82 -14.36
C GLN D 219 -19.10 -6.33 -14.54
N LYS D 220 -20.34 -6.79 -14.41
CA LYS D 220 -20.63 -8.22 -14.43
C LYS D 220 -20.41 -8.88 -15.79
N ASN D 221 -19.95 -8.14 -16.79
CA ASN D 221 -19.66 -8.72 -18.10
C ASN D 221 -18.16 -8.90 -18.34
N PHE D 222 -17.35 -8.78 -17.30
CA PHE D 222 -15.91 -8.92 -17.45
C PHE D 222 -15.52 -10.37 -17.67
N THR D 223 -14.53 -10.59 -18.54
CA THR D 223 -14.05 -11.93 -18.84
C THR D 223 -12.53 -11.93 -18.90
N LEU D 224 -11.94 -13.08 -18.62
CA LEU D 224 -10.49 -13.26 -18.67
C LEU D 224 -10.17 -14.52 -19.47
N LYS D 225 -8.95 -14.58 -19.99
CA LYS D 225 -8.58 -15.65 -20.90
C LYS D 225 -7.08 -15.85 -20.90
N LEU D 226 -6.67 -17.11 -21.06
CA LEU D 226 -5.27 -17.50 -21.29
C LEU D 226 -4.38 -17.03 -20.13
N CYS D 227 -4.63 -17.65 -18.97
CA CYS D 227 -3.86 -17.34 -17.77
C CYS D 227 -2.37 -17.45 -18.03
N LYS D 228 -1.61 -16.55 -17.42
CA LYS D 228 -0.16 -16.50 -17.60
C LYS D 228 0.47 -15.83 -16.38
N ASP D 229 1.79 -15.98 -16.26
CA ASP D 229 2.51 -15.38 -15.16
C ASP D 229 2.56 -13.87 -15.32
N THR D 230 2.94 -13.19 -14.24
CA THR D 230 2.94 -11.74 -14.20
C THR D 230 4.37 -11.19 -14.28
N ASP D 231 4.46 -9.87 -14.39
CA ASP D 231 5.72 -9.15 -14.35
C ASP D 231 5.87 -8.34 -13.07
N GLU D 232 5.32 -8.86 -11.97
CA GLU D 232 5.33 -8.19 -10.67
C GLU D 232 4.74 -6.79 -10.75
N ASN E 30 -27.11 0.33 7.42
CA ASN E 30 -25.83 0.48 6.74
C ASN E 30 -24.72 -0.24 7.50
N ILE E 31 -25.07 -1.36 8.12
CA ILE E 31 -24.12 -2.18 8.87
C ILE E 31 -23.54 -3.21 7.91
N VAL E 32 -22.25 -3.11 7.64
CA VAL E 32 -21.61 -4.01 6.68
C VAL E 32 -21.44 -5.39 7.31
N LEU E 33 -22.34 -6.30 6.98
CA LEU E 33 -22.28 -7.67 7.50
C LEU E 33 -21.19 -8.42 6.76
N SER E 34 -20.05 -8.60 7.43
CA SER E 34 -18.87 -9.18 6.79
C SER E 34 -19.18 -10.54 6.19
N TYR E 35 -18.91 -10.69 4.90
CA TYR E 35 -19.07 -11.94 4.17
C TYR E 35 -20.49 -12.49 4.27
N GLY E 36 -21.45 -11.65 4.65
CA GLY E 36 -22.84 -12.06 4.73
C GLY E 36 -23.12 -13.17 5.71
N GLU E 37 -22.51 -13.12 6.90
CA GLU E 37 -22.68 -14.15 7.91
C GLU E 37 -22.71 -13.51 9.29
N TRP E 38 -23.87 -13.55 9.93
CA TRP E 38 -23.95 -13.16 11.33
C TRP E 38 -23.17 -14.16 12.18
N PRO E 39 -22.53 -13.71 13.26
CA PRO E 39 -21.88 -14.67 14.16
C PRO E 39 -22.90 -15.54 14.87
N GLU E 40 -22.62 -16.83 14.92
CA GLU E 40 -23.57 -17.80 15.46
C GLU E 40 -22.88 -18.70 16.47
N TYR E 41 -23.70 -19.39 17.26
CA TYR E 41 -23.20 -20.36 18.23
C TYR E 41 -22.89 -21.68 17.52
N CYS E 42 -21.71 -22.22 17.77
CA CYS E 42 -21.37 -23.52 17.22
C CYS E 42 -22.32 -24.57 17.77
N PRO E 43 -23.03 -25.32 16.92
CA PRO E 43 -24.07 -26.23 17.41
C PRO E 43 -23.53 -27.25 18.40
N SER E 44 -24.45 -27.83 19.16
CA SER E 44 -24.09 -28.81 20.17
C SER E 44 -24.39 -30.23 19.71
N PRO E 53 -19.76 -25.79 26.88
CA PRO E 53 -18.98 -24.55 26.86
C PRO E 53 -19.74 -23.38 27.47
N THR E 54 -19.04 -22.53 28.21
CA THR E 54 -19.67 -21.37 28.83
C THR E 54 -20.09 -20.38 27.74
N ARG E 55 -21.40 -20.09 27.69
CA ARG E 55 -21.96 -19.14 26.73
C ARG E 55 -22.43 -17.90 27.49
N PRO E 56 -21.59 -16.86 27.58
CA PRO E 56 -21.98 -15.67 28.35
C PRO E 56 -23.18 -14.94 27.77
N ASP E 57 -23.62 -13.89 28.45
CA ASP E 57 -24.86 -13.20 28.11
C ASP E 57 -24.58 -11.70 28.13
N VAL E 58 -25.66 -10.91 28.15
CA VAL E 58 -25.57 -9.45 28.05
C VAL E 58 -24.67 -8.84 29.12
N SER E 59 -24.30 -9.61 30.15
CA SER E 59 -23.30 -9.13 31.10
C SER E 59 -21.97 -8.89 30.41
N VAL E 60 -21.58 -9.78 29.51
CA VAL E 60 -20.34 -9.64 28.75
C VAL E 60 -20.67 -9.06 27.39
N ASN E 61 -21.87 -9.33 26.89
CA ASN E 61 -22.30 -8.77 25.61
C ASN E 61 -22.85 -7.35 25.79
N ARG E 62 -22.06 -6.51 26.45
CA ARG E 62 -22.38 -5.10 26.61
C ARG E 62 -21.61 -4.30 25.57
N PHE E 63 -21.63 -2.98 25.70
CA PHE E 63 -20.97 -2.09 24.75
C PHE E 63 -19.74 -1.50 25.43
N TYR E 64 -18.58 -2.09 25.14
CA TYR E 64 -17.32 -1.55 25.63
C TYR E 64 -16.94 -0.34 24.78
N THR E 65 -16.88 0.82 25.42
CA THR E 65 -16.52 2.07 24.74
C THR E 65 -15.09 2.42 25.13
N LEU E 66 -14.15 2.14 24.24
CA LEU E 66 -12.75 2.40 24.51
C LEU E 66 -12.48 3.90 24.54
N SER E 67 -11.23 4.25 24.84
CA SER E 67 -10.82 5.64 24.84
C SER E 67 -10.89 6.22 23.44
N THR E 68 -11.09 7.53 23.35
CA THR E 68 -11.10 8.19 22.07
C THR E 68 -9.69 8.49 21.60
N LYS E 69 -9.54 8.71 20.30
CA LYS E 69 -8.25 9.00 19.70
C LYS E 69 -8.37 10.29 18.90
N SER E 70 -7.45 11.22 19.13
CA SER E 70 -7.49 12.50 18.44
C SER E 70 -7.04 12.33 17.00
N TRP E 71 -7.93 12.60 16.06
CA TRP E 71 -7.62 12.57 14.63
C TRP E 71 -7.11 13.95 14.23
N LYS E 72 -5.83 14.03 13.90
CA LYS E 72 -5.21 15.26 13.45
C LYS E 72 -4.90 15.17 11.95
N THR E 73 -4.33 16.24 11.42
CA THR E 73 -3.95 16.24 10.01
C THR E 73 -2.76 15.32 9.76
N GLU E 74 -1.75 15.39 10.63
CA GLU E 74 -0.57 14.54 10.55
C GLU E 74 -0.88 13.09 10.87
N SER E 75 -2.10 12.75 11.25
CA SER E 75 -2.43 11.40 11.66
C SER E 75 -2.28 10.43 10.49
N THR E 76 -1.76 9.24 10.80
CA THR E 76 -1.53 8.20 9.79
C THR E 76 -2.55 7.07 9.87
N GLY E 77 -2.97 6.69 11.05
CA GLY E 77 -3.95 5.62 11.19
C GLY E 77 -3.75 4.88 12.50
N TRP E 78 -4.65 3.94 12.74
CA TRP E 78 -4.59 3.09 13.92
C TRP E 78 -5.08 1.70 13.55
N TYR E 79 -4.78 0.74 14.42
CA TYR E 79 -5.30 -0.61 14.25
C TYR E 79 -5.36 -1.30 15.60
N TRP E 80 -6.44 -2.05 15.82
CA TRP E 80 -6.67 -2.80 17.04
C TRP E 80 -6.86 -4.27 16.68
N LYS E 81 -6.18 -5.16 17.40
CA LYS E 81 -6.39 -6.58 17.17
C LYS E 81 -7.77 -6.99 17.66
N PHE E 82 -8.22 -8.17 17.21
CA PHE E 82 -9.62 -8.53 17.44
C PHE E 82 -9.91 -8.86 18.90
N PRO E 83 -9.30 -9.91 19.51
CA PRO E 83 -9.62 -10.18 20.91
C PRO E 83 -8.61 -9.59 21.87
N ASP E 84 -7.48 -9.11 21.34
CA ASP E 84 -6.46 -8.51 22.19
C ASP E 84 -6.89 -7.16 22.73
N VAL E 85 -7.81 -6.48 22.04
CA VAL E 85 -8.29 -5.18 22.49
C VAL E 85 -9.17 -5.28 23.73
N LEU E 86 -9.61 -6.48 24.08
CA LEU E 86 -10.49 -6.68 25.22
C LEU E 86 -9.91 -7.58 26.30
N ASN E 87 -8.75 -8.19 26.07
CA ASN E 87 -8.18 -9.14 27.03
C ASN E 87 -7.84 -8.53 28.37
N ASP E 88 -8.00 -7.22 28.55
CA ASP E 88 -7.77 -6.59 29.85
C ASP E 88 -8.84 -5.56 30.16
N THR E 89 -10.06 -5.78 29.69
CA THR E 89 -11.15 -4.82 29.85
C THR E 89 -12.38 -5.55 30.38
N GLY E 90 -12.63 -5.40 31.68
CA GLY E 90 -13.88 -5.86 32.26
C GLY E 90 -14.03 -7.37 32.28
N VAL E 91 -15.28 -7.81 32.17
CA VAL E 91 -15.59 -9.23 32.30
C VAL E 91 -14.93 -10.03 31.20
N PHE E 92 -14.89 -9.49 29.98
CA PHE E 92 -14.26 -10.20 28.86
C PHE E 92 -12.79 -10.45 29.13
N GLY E 93 -12.15 -9.61 29.96
CA GLY E 93 -10.78 -9.86 30.35
C GLY E 93 -10.63 -10.96 31.38
N GLN E 94 -11.72 -11.31 32.06
CA GLN E 94 -11.71 -12.43 32.99
C GLN E 94 -12.08 -13.74 32.30
N ASN E 95 -13.00 -13.68 31.34
CA ASN E 95 -13.39 -14.90 30.63
C ASN E 95 -12.33 -15.34 29.63
N ALA E 96 -11.49 -14.43 29.15
CA ALA E 96 -10.48 -14.77 28.16
C ALA E 96 -9.21 -15.31 28.82
N GLN E 97 -8.68 -14.61 29.82
CA GLN E 97 -7.44 -15.05 30.44
C GLN E 97 -7.64 -16.33 31.24
N PHE E 98 -8.73 -16.42 31.99
CA PHE E 98 -9.01 -17.61 32.79
C PHE E 98 -9.80 -18.65 32.00
N HIS E 99 -9.24 -19.06 30.86
CA HIS E 99 -9.85 -20.06 30.01
C HIS E 99 -8.78 -20.61 29.07
N TYR E 100 -9.20 -21.52 28.18
CA TYR E 100 -8.29 -22.16 27.25
C TYR E 100 -8.76 -22.14 25.80
N LEU E 101 -10.05 -22.01 25.55
CA LEU E 101 -10.59 -21.95 24.20
C LEU E 101 -11.60 -20.81 24.12
N TYR E 102 -11.82 -20.30 22.91
CA TYR E 102 -12.61 -19.10 22.76
C TYR E 102 -13.00 -18.92 21.30
N ARG E 103 -14.19 -18.36 21.09
CA ARG E 103 -14.64 -17.97 19.76
C ARG E 103 -15.78 -16.96 19.93
N SER E 104 -15.75 -15.90 19.12
CA SER E 104 -16.79 -14.89 19.18
C SER E 104 -16.66 -13.96 17.99
N GLY E 105 -17.79 -13.43 17.55
CA GLY E 105 -17.80 -12.34 16.61
C GLY E 105 -17.63 -11.01 17.32
N PHE E 106 -17.85 -9.93 16.57
CA PHE E 106 -17.75 -8.60 17.13
C PHE E 106 -18.68 -7.66 16.39
N CYS E 107 -18.87 -6.48 16.95
CA CYS E 107 -19.75 -5.44 16.41
C CYS E 107 -19.04 -4.10 16.43
N MET E 108 -17.81 -4.07 15.90
CA MET E 108 -17.03 -2.84 15.85
C MET E 108 -17.86 -1.70 15.26
N HIS E 109 -17.80 -0.54 15.90
CA HIS E 109 -18.64 0.60 15.54
C HIS E 109 -17.85 1.87 15.80
N VAL E 110 -17.45 2.56 14.73
CA VAL E 110 -16.61 3.74 14.82
C VAL E 110 -17.44 4.98 14.54
N GLN E 111 -17.24 6.02 15.35
CA GLN E 111 -17.94 7.28 15.17
C GLN E 111 -16.96 8.43 15.35
N CYS E 112 -17.17 9.51 14.59
CA CYS E 112 -16.29 10.67 14.61
C CYS E 112 -17.12 11.91 14.90
N ASN E 113 -16.97 12.47 16.10
CA ASN E 113 -17.70 13.68 16.49
C ASN E 113 -17.04 14.88 15.82
N ALA E 114 -17.39 15.07 14.55
CA ALA E 114 -16.81 16.14 13.75
C ALA E 114 -17.85 17.23 13.49
N SER E 115 -17.35 18.42 13.22
CA SER E 115 -18.21 19.58 12.95
C SER E 115 -18.68 19.51 11.50
N LYS E 116 -19.29 20.60 11.03
CA LYS E 116 -19.74 20.68 9.65
C LYS E 116 -18.78 21.47 8.77
N PHE E 117 -17.85 22.22 9.36
CA PHE E 117 -16.80 22.88 8.62
C PHE E 117 -15.53 22.03 8.56
N HIS E 118 -15.60 20.79 9.02
CA HIS E 118 -14.47 19.86 8.96
C HIS E 118 -14.61 18.97 7.74
N GLN E 119 -13.46 18.65 7.13
CA GLN E 119 -13.44 17.79 5.96
C GLN E 119 -12.39 16.71 6.15
N GLY E 120 -12.62 15.57 5.52
CA GLY E 120 -11.73 14.44 5.65
C GLY E 120 -12.46 13.16 5.31
N ALA E 121 -11.72 12.06 5.35
CA ALA E 121 -12.29 10.77 5.01
C ALA E 121 -11.46 9.67 5.65
N LEU E 122 -12.14 8.69 6.25
CA LEU E 122 -11.53 7.53 6.85
C LEU E 122 -11.87 6.28 6.05
N LEU E 123 -11.01 5.27 6.19
CA LEU E 123 -11.26 3.94 5.62
C LEU E 123 -11.23 2.97 6.78
N VAL E 124 -12.40 2.51 7.21
CA VAL E 124 -12.54 1.63 8.35
C VAL E 124 -12.73 0.21 7.81
N ALA E 125 -11.70 -0.62 7.93
CA ALA E 125 -11.72 -1.97 7.40
C ALA E 125 -11.32 -2.96 8.47
N ALA E 126 -11.90 -4.16 8.38
CA ALA E 126 -11.59 -5.26 9.28
C ALA E 126 -10.79 -6.29 8.50
N ILE E 127 -9.57 -6.56 8.93
CA ILE E 127 -8.63 -7.37 8.16
C ILE E 127 -8.45 -8.73 8.82
N PRO E 128 -9.08 -9.79 8.31
CA PRO E 128 -8.88 -11.13 8.89
C PRO E 128 -7.43 -11.56 8.76
N GLU E 129 -6.88 -12.07 9.87
CA GLU E 129 -5.49 -12.53 9.92
C GLU E 129 -4.52 -11.41 9.56
N PHE E 130 -4.76 -10.22 10.11
CA PHE E 130 -3.88 -9.09 9.89
C PHE E 130 -2.52 -9.38 10.52
N VAL E 131 -1.53 -9.64 9.70
CA VAL E 131 -0.18 -9.95 10.15
C VAL E 131 0.70 -8.74 9.90
N ILE E 132 1.28 -8.20 10.96
CA ILE E 132 2.12 -7.02 10.85
C ILE E 132 3.53 -7.45 10.42
N ALA E 133 4.19 -6.58 9.65
CA ALA E 133 5.53 -6.85 9.15
C ALA E 133 6.48 -5.74 9.58
N ALA E 134 7.75 -6.10 9.77
CA ALA E 134 8.77 -5.14 10.13
C ALA E 134 9.22 -4.38 8.89
N SER E 135 10.30 -3.60 9.02
CA SER E 135 10.81 -2.80 7.90
C SER E 135 12.33 -2.74 8.03
N SER E 136 13.01 -3.64 7.33
CA SER E 136 14.45 -3.69 7.43
C SER E 136 15.09 -2.58 6.61
N PRO E 137 16.20 -1.99 7.07
CA PRO E 137 16.92 -0.95 6.33
C PRO E 137 17.53 -1.48 5.04
N GLY E 145 14.80 -5.90 14.24
CA GLY E 145 15.10 -5.40 12.91
C GLY E 145 14.56 -6.27 11.80
N LEU E 146 14.10 -7.46 12.17
CA LEU E 146 13.55 -8.39 11.20
C LEU E 146 12.17 -8.85 11.63
N TYR E 147 11.90 -8.84 12.93
CA TYR E 147 10.63 -9.31 13.46
C TYR E 147 9.92 -8.19 14.20
N PRO E 148 8.59 -8.12 14.10
CA PRO E 148 7.86 -7.04 14.78
C PRO E 148 7.96 -7.16 16.30
N ASP E 149 8.13 -6.02 16.95
CA ASP E 149 8.07 -5.96 18.40
C ASP E 149 6.73 -6.48 18.89
N PHE E 150 6.69 -6.91 20.15
CA PHE E 150 5.42 -7.40 20.70
C PHE E 150 4.44 -6.26 20.91
N ALA E 151 4.93 -5.05 21.17
CA ALA E 151 4.03 -3.91 21.32
C ALA E 151 3.32 -3.56 20.03
N HIS E 152 3.89 -3.92 18.88
CA HIS E 152 3.29 -3.62 17.60
C HIS E 152 2.35 -4.70 17.09
N THR E 153 2.48 -5.93 17.61
CA THR E 153 1.60 -7.01 17.18
C THR E 153 0.44 -7.25 18.14
N ASN E 154 0.54 -6.76 19.38
CA ASN E 154 -0.56 -6.81 20.34
C ASN E 154 -0.59 -5.48 21.06
N PRO E 155 -1.09 -4.43 20.40
CA PRO E 155 -0.99 -3.09 20.99
C PRO E 155 -1.82 -2.90 22.25
N GLY E 156 -2.78 -3.78 22.51
CA GLY E 156 -3.64 -3.61 23.66
C GLY E 156 -4.97 -3.01 23.27
N LYS E 157 -5.54 -2.18 24.16
CA LYS E 157 -6.78 -1.48 23.87
C LYS E 157 -6.55 -0.04 23.46
N ASP E 158 -5.31 0.33 23.13
CA ASP E 158 -4.99 1.67 22.68
C ASP E 158 -4.69 1.75 21.19
N GLY E 159 -4.43 0.62 20.54
CA GLY E 159 -4.08 0.63 19.13
C GLY E 159 -2.68 1.15 18.86
N GLN E 160 -2.10 0.77 17.74
CA GLN E 160 -0.77 1.21 17.35
C GLN E 160 -0.89 2.06 16.08
N GLU E 161 -0.33 3.26 16.14
CA GLU E 161 -0.36 4.14 14.98
C GLU E 161 0.50 3.57 13.86
N PHE E 162 -0.03 3.62 12.64
CA PHE E 162 0.70 3.10 11.49
C PHE E 162 1.98 3.88 11.28
N ARG E 163 3.04 3.16 10.91
CA ARG E 163 4.29 3.80 10.51
C ARG E 163 4.41 3.98 9.00
N ASP E 164 3.67 3.19 8.23
CA ASP E 164 3.63 3.33 6.77
C ASP E 164 2.26 2.88 6.30
N PRO E 165 1.23 3.72 6.47
CA PRO E 165 -0.13 3.28 6.15
C PRO E 165 -0.35 3.02 4.68
N TYR E 166 0.52 3.52 3.80
CA TYR E 166 0.39 3.27 2.37
C TYR E 166 0.49 1.77 2.07
N VAL E 167 1.26 1.03 2.86
CA VAL E 167 1.44 -0.39 2.66
C VAL E 167 0.78 -1.19 3.78
N LEU E 168 -0.13 -0.58 4.53
CA LEU E 168 -0.89 -1.24 5.59
C LEU E 168 0.01 -1.89 6.64
N ASP E 169 1.29 -1.51 6.68
CA ASP E 169 2.30 -2.11 7.55
C ASP E 169 2.47 -3.60 7.33
N ALA E 170 1.88 -4.16 6.27
CA ALA E 170 1.93 -5.59 6.01
C ALA E 170 2.34 -5.90 4.58
N GLY E 171 3.08 -5.02 3.93
CA GLY E 171 3.47 -5.26 2.54
C GLY E 171 2.40 -5.04 1.51
N ILE E 172 1.20 -5.56 1.74
CA ILE E 172 0.07 -5.41 0.82
C ILE E 172 -0.24 -3.91 0.69
N PRO E 173 -0.79 -3.47 -0.44
CA PRO E 173 -1.05 -2.04 -0.61
C PRO E 173 -2.40 -1.60 -0.09
N LEU E 174 -2.42 -0.38 0.44
CA LEU E 174 -3.65 0.16 1.00
C LEU E 174 -4.72 0.36 -0.06
N SER E 175 -4.31 0.61 -1.31
CA SER E 175 -5.28 0.87 -2.36
C SER E 175 -6.24 -0.30 -2.56
N GLN E 176 -5.77 -1.52 -2.32
CA GLN E 176 -6.60 -2.70 -2.48
C GLN E 176 -7.22 -3.18 -1.17
N ALA E 177 -7.05 -2.42 -0.08
CA ALA E 177 -7.62 -2.82 1.20
C ALA E 177 -9.13 -2.91 1.16
N LEU E 178 -9.78 -2.30 0.18
CA LEU E 178 -11.22 -2.32 0.08
C LEU E 178 -11.77 -3.71 -0.24
N ILE E 179 -10.92 -4.64 -0.64
CA ILE E 179 -11.37 -6.01 -0.86
C ILE E 179 -11.82 -6.65 0.45
N PHE E 180 -11.31 -6.17 1.57
CA PHE E 180 -11.78 -6.60 2.88
C PHE E 180 -13.12 -5.94 3.18
N PRO E 181 -13.84 -6.43 4.18
CA PRO E 181 -15.03 -5.70 4.65
C PRO E 181 -14.63 -4.32 5.14
N HIS E 182 -15.37 -3.31 4.70
CA HIS E 182 -14.99 -1.94 4.98
C HIS E 182 -16.21 -1.04 4.89
N GLN E 183 -16.04 0.19 5.37
CA GLN E 183 -17.05 1.23 5.24
C GLN E 183 -16.35 2.58 5.33
N TRP E 184 -16.72 3.49 4.43
CA TRP E 184 -16.11 4.79 4.41
C TRP E 184 -16.72 5.71 5.45
N ILE E 185 -15.89 6.58 6.02
CA ILE E 185 -16.34 7.64 6.91
C ILE E 185 -15.96 8.94 6.22
N ASN E 186 -16.93 9.56 5.56
CA ASN E 186 -16.72 10.79 4.82
C ASN E 186 -17.48 11.89 5.57
N LEU E 187 -16.74 12.83 6.15
CA LEU E 187 -17.32 13.79 7.09
C LEU E 187 -18.39 14.66 6.44
N ARG E 188 -18.43 14.74 5.11
CA ARG E 188 -19.45 15.54 4.45
C ARG E 188 -20.78 14.81 4.29
N THR E 189 -20.82 13.49 4.50
CA THR E 189 -22.07 12.76 4.40
C THR E 189 -22.45 12.05 5.69
N ASN E 190 -21.52 11.34 6.32
CA ASN E 190 -21.83 10.60 7.54
C ASN E 190 -20.55 10.39 8.32
N ASN E 191 -20.69 10.25 9.64
CA ASN E 191 -19.57 10.07 10.55
C ASN E 191 -19.79 8.85 11.43
N CYS E 192 -20.17 7.74 10.80
CA CYS E 192 -20.42 6.50 11.53
C CYS E 192 -20.11 5.32 10.61
N ALA E 193 -19.63 4.25 11.21
CA ALA E 193 -19.29 3.04 10.45
C ALA E 193 -19.41 1.85 11.37
N THR E 194 -20.34 0.95 11.06
CA THR E 194 -20.60 -0.24 11.86
C THR E 194 -20.29 -1.48 11.03
N ILE E 195 -19.46 -2.36 11.59
CA ILE E 195 -19.02 -3.58 10.92
C ILE E 195 -19.37 -4.77 11.80
N ILE E 196 -20.12 -5.71 11.25
CA ILE E 196 -20.47 -6.96 11.92
C ILE E 196 -19.54 -8.04 11.40
N MET E 197 -18.76 -8.63 12.30
CA MET E 197 -17.73 -9.59 11.91
C MET E 197 -17.99 -10.94 12.56
N PRO E 198 -18.11 -12.02 11.81
CA PRO E 198 -18.25 -13.35 12.41
C PRO E 198 -16.88 -13.87 12.85
N TYR E 199 -16.87 -15.12 13.31
CA TYR E 199 -15.64 -15.77 13.76
C TYR E 199 -15.00 -16.44 12.56
N ILE E 200 -13.85 -15.93 12.13
CA ILE E 200 -13.15 -16.41 10.95
C ILE E 200 -11.86 -17.06 11.39
N ASN E 201 -11.80 -18.39 11.33
CA ASN E 201 -10.62 -19.13 11.71
C ASN E 201 -10.73 -20.54 11.17
N ALA E 202 -9.61 -21.26 11.19
CA ALA E 202 -9.60 -22.63 10.69
C ALA E 202 -10.19 -23.60 11.71
N LEU E 203 -9.68 -23.61 12.93
CA LEU E 203 -10.22 -24.47 13.96
C LEU E 203 -11.49 -23.87 14.55
N PRO E 204 -12.39 -24.70 15.08
CA PRO E 204 -13.60 -24.15 15.72
C PRO E 204 -13.28 -23.23 16.89
N PHE E 205 -12.53 -23.74 17.86
CA PHE E 205 -12.09 -22.96 19.00
C PHE E 205 -10.58 -22.74 18.92
N ASP E 206 -10.12 -21.63 19.49
CA ASP E 206 -8.70 -21.33 19.49
C ASP E 206 -8.39 -20.50 20.73
N SER E 207 -7.10 -20.27 20.96
CA SER E 207 -6.67 -19.49 22.10
C SER E 207 -7.07 -18.03 21.91
N ALA E 208 -7.19 -17.32 23.04
CA ALA E 208 -7.59 -15.92 23.03
C ALA E 208 -6.47 -14.95 23.34
N LEU E 209 -5.40 -15.42 23.98
CA LEU E 209 -4.27 -14.56 24.33
C LEU E 209 -3.09 -14.74 23.41
N ASN E 210 -3.16 -15.66 22.45
CA ASN E 210 -2.07 -15.89 21.52
C ASN E 210 -2.45 -15.57 20.09
N HIS E 211 -3.58 -16.08 19.60
CA HIS E 211 -3.99 -15.91 18.22
C HIS E 211 -5.09 -14.85 18.16
N SER E 212 -4.79 -13.71 17.54
CA SER E 212 -5.73 -12.62 17.37
C SER E 212 -6.26 -12.68 15.94
N ASN E 213 -7.56 -12.97 15.80
CA ASN E 213 -8.12 -13.29 14.49
C ASN E 213 -7.92 -12.14 13.50
N PHE E 214 -8.55 -11.00 13.75
CA PHE E 214 -8.47 -9.91 12.80
C PHE E 214 -7.96 -8.63 13.42
N GLY E 215 -7.95 -7.55 12.65
CA GLY E 215 -7.55 -6.25 13.16
C GLY E 215 -8.33 -5.13 12.51
N LEU E 216 -8.96 -4.29 13.32
CA LEU E 216 -9.76 -3.18 12.80
C LEU E 216 -8.83 -2.01 12.52
N VAL E 217 -8.58 -1.75 11.25
CA VAL E 217 -7.75 -0.61 10.86
C VAL E 217 -8.65 0.59 10.60
N VAL E 218 -8.12 1.78 10.88
CA VAL E 218 -8.79 3.04 10.61
C VAL E 218 -7.73 3.98 10.05
N ILE E 219 -7.84 4.31 8.77
CA ILE E 219 -6.81 5.03 8.05
C ILE E 219 -7.45 6.25 7.40
N PRO E 220 -6.93 7.45 7.61
CA PRO E 220 -7.42 8.64 6.90
C PRO E 220 -6.81 8.73 5.51
N ILE E 221 -7.64 8.59 4.49
CA ILE E 221 -7.17 8.75 3.12
C ILE E 221 -7.05 10.22 2.76
N SER E 222 -8.16 10.96 2.84
CA SER E 222 -8.13 12.40 2.65
C SER E 222 -7.90 13.06 3.99
N PRO E 223 -6.76 13.71 4.21
CA PRO E 223 -6.43 14.20 5.55
C PRO E 223 -7.40 15.29 6.02
N LEU E 224 -7.43 15.45 7.34
CA LEU E 224 -8.35 16.41 7.95
C LEU E 224 -7.89 17.83 7.65
N LYS E 225 -8.86 18.72 7.43
CA LYS E 225 -8.57 20.12 7.16
C LYS E 225 -9.64 20.99 7.80
N TYR E 226 -9.26 22.21 8.13
CA TYR E 226 -10.14 23.15 8.80
C TYR E 226 -9.51 24.54 8.77
N CYS E 227 -10.36 25.56 8.74
CA CYS E 227 -9.86 26.92 8.83
C CYS E 227 -9.60 27.28 10.29
N ASN E 228 -8.87 28.37 10.48
CA ASN E 228 -8.47 28.78 11.84
C ASN E 228 -9.70 29.07 12.68
N GLY E 229 -9.67 28.59 13.92
CA GLY E 229 -10.79 28.75 14.82
C GLY E 229 -11.74 27.56 14.80
N ALA E 230 -11.17 26.36 14.92
CA ALA E 230 -11.96 25.14 14.99
C ALA E 230 -11.25 24.15 15.90
N THR E 231 -11.97 23.10 16.26
CA THR E 231 -11.39 22.04 17.09
C THR E 231 -10.30 21.33 16.29
N THR E 232 -9.05 21.55 16.66
CA THR E 232 -7.93 21.04 15.88
C THR E 232 -7.73 19.55 16.03
N GLU E 233 -8.60 18.80 16.70
CA GLU E 233 -8.41 17.36 16.85
C GLU E 233 -9.79 16.72 16.88
N VAL E 234 -10.26 16.24 15.74
CA VAL E 234 -11.54 15.53 15.68
C VAL E 234 -11.43 14.23 16.48
N PRO E 235 -12.34 13.96 17.41
CA PRO E 235 -12.24 12.73 18.18
C PRO E 235 -12.88 11.56 17.46
N ILE E 236 -12.25 10.39 17.59
CA ILE E 236 -12.74 9.15 17.01
C ILE E 236 -13.03 8.18 18.14
N THR E 237 -14.24 7.64 18.16
CA THR E 237 -14.68 6.73 19.20
C THR E 237 -14.93 5.35 18.61
N LEU E 238 -14.62 4.31 19.39
CA LEU E 238 -14.78 2.93 18.95
C LEU E 238 -15.55 2.16 20.00
N THR E 239 -16.60 1.46 19.57
CA THR E 239 -17.45 0.68 20.47
C THR E 239 -17.41 -0.77 20.03
N ILE E 240 -17.23 -1.68 20.98
CA ILE E 240 -17.12 -3.10 20.71
C ILE E 240 -18.21 -3.83 21.48
N ALA E 241 -18.73 -4.90 20.90
CA ALA E 241 -19.81 -5.68 21.51
C ALA E 241 -19.68 -7.12 21.05
N PRO E 242 -19.05 -7.98 21.85
CA PRO E 242 -18.94 -9.40 21.48
C PRO E 242 -20.31 -10.02 21.25
N LEU E 243 -20.43 -10.74 20.14
CA LEU E 243 -21.69 -11.34 19.72
C LEU E 243 -21.53 -12.86 19.69
N ASN E 244 -22.39 -13.56 20.42
CA ASN E 244 -22.42 -15.03 20.41
C ASN E 244 -21.07 -15.60 20.84
N SER E 245 -20.56 -15.14 21.97
CA SER E 245 -19.27 -15.59 22.46
C SER E 245 -19.40 -16.94 23.16
N GLU E 246 -18.28 -17.66 23.21
CA GLU E 246 -18.21 -18.95 23.88
C GLU E 246 -16.84 -19.10 24.51
N PHE E 247 -16.74 -20.03 25.47
CA PHE E 247 -15.51 -20.27 26.17
C PHE E 247 -15.45 -21.73 26.60
N SER E 248 -14.23 -22.19 26.90
CA SER E 248 -14.02 -23.56 27.35
C SER E 248 -12.67 -23.65 28.05
N GLY E 249 -12.46 -24.76 28.75
CA GLY E 249 -11.21 -25.00 29.44
C GLY E 249 -10.93 -24.01 30.56
N LEU E 250 -11.75 -24.05 31.61
CA LEU E 250 -11.66 -23.06 32.66
C LEU E 250 -10.36 -23.20 33.45
N ARG E 251 -9.79 -22.07 33.83
CA ARG E 251 -8.55 -22.01 34.59
C ARG E 251 -7.42 -22.77 33.92
#